data_4X7D
#
_entry.id   4X7D
#
_cell.length_a   70.640
_cell.length_b   93.580
_cell.length_c   136.680
_cell.angle_alpha   90.000
_cell.angle_beta   90.000
_cell.angle_gamma   90.000
#
_symmetry.space_group_name_H-M   'P 21 21 21'
#
loop_
_entity.id
_entity.type
_entity.pdbx_description
1 polymer VP1
2 polymer 'Nano-85 Nanobody'
3 non-polymer 1,2-ETHANEDIOL
4 water water
#
loop_
_entity_poly.entity_id
_entity_poly.type
_entity_poly.pdbx_seq_one_letter_code
_entity_poly.pdbx_strand_id
1 'polypeptide(L)'
;SKPFSVPVLTVEEMTNSRFPIPLEKLFTGPSSAFVVQPQNGRCTTDGVLLGTTQLSPVNICTFRGDVTHITGSRNYTMNL
ASQNWNDYDPTEEIPAPLGTPDFVGKIQGVLTQTTRTDGSTRGHKATVYTGSADFAPKLGRVQFETDTDRDFEANQNTKF
TPVGVIQDGGTTHRNEPQQWVLPSYSGRNTHNVHLAPAVAPTFPGEQLLFFRSTMPGCSGYPNMDLDCLLPQEWVQYFYQ
EAAPAQSDVALLRFVNPDTGRVLFECKLHKSGYVTVAHTGQHDLVIPPNGYFRFDSWVNQFYTLAPM
;
A,B
2 'polypeptide(L)'
;DVQLVESGGGLVQPGGSLRLSCAASGSIFSIYAMGWYRQAPGKQRELVASISSGGGTNYADSVKGRFTISGDNAKNTVYL
QMNSLKPEDTAVYYCKREDYSAYAPPSGSRGRGTQVTVSSHHHHHH
;
C,D
#
loop_
_chem_comp.id
_chem_comp.type
_chem_comp.name
_chem_comp.formula
EDO non-polymer 1,2-ETHANEDIOL 'C2 H6 O2'
#
# COMPACT_ATOMS: atom_id res chain seq x y z
N SER A 1 -6.53 11.89 -18.73
CA SER A 1 -6.67 10.56 -19.37
C SER A 1 -7.01 9.50 -18.32
N LYS A 2 -6.14 8.71 -17.75
CA LYS A 2 -6.51 7.72 -16.72
C LYS A 2 -7.25 8.37 -15.57
N PRO A 3 -8.42 7.82 -15.20
CA PRO A 3 -9.21 8.48 -14.17
C PRO A 3 -8.55 8.39 -12.77
N PHE A 4 -8.58 9.51 -12.06
CA PHE A 4 -8.10 9.57 -10.72
C PHE A 4 -9.08 8.86 -9.77
N SER A 5 -8.54 8.37 -8.66
CA SER A 5 -9.34 7.82 -7.60
C SER A 5 -8.45 7.72 -6.35
N VAL A 6 -9.07 7.42 -5.20
CA VAL A 6 -8.36 7.05 -3.97
C VAL A 6 -8.82 5.64 -3.60
N PRO A 7 -7.99 4.89 -2.84
CA PRO A 7 -8.31 3.52 -2.48
C PRO A 7 -9.59 3.36 -1.63
N VAL A 8 -10.30 2.25 -1.84
CA VAL A 8 -11.40 1.87 -0.96
C VAL A 8 -10.81 1.15 0.28
N LEU A 9 -10.49 1.94 1.30
CA LEU A 9 -9.89 1.46 2.53
C LEU A 9 -10.43 2.27 3.69
N THR A 10 -10.78 1.59 4.77
CA THR A 10 -11.11 2.33 5.97
C THR A 10 -9.80 2.91 6.55
N VAL A 11 -9.96 3.84 7.47
CA VAL A 11 -8.81 4.49 8.12
C VAL A 11 -8.01 3.42 8.88
N GLU A 12 -8.70 2.58 9.64
CA GLU A 12 -8.07 1.52 10.41
C GLU A 12 -7.41 0.43 9.54
N GLU A 13 -7.82 0.28 8.28
CA GLU A 13 -7.13 -0.64 7.39
C GLU A 13 -5.85 -0.03 6.81
N MET A 14 -5.64 1.25 7.08
CA MET A 14 -4.48 1.93 6.52
C MET A 14 -3.33 2.18 7.53
N THR A 15 -2.23 2.70 7.00
CA THR A 15 -0.96 2.83 7.70
C THR A 15 -0.44 4.26 7.76
N ASN A 16 0.15 4.61 8.92
CA ASN A 16 0.78 5.92 9.04
C ASN A 16 1.97 5.98 8.09
N SER A 17 2.16 7.13 7.45
CA SER A 17 3.24 7.27 6.49
C SER A 17 4.52 7.86 7.13
N ARG A 18 4.46 8.15 8.42
CA ARG A 18 5.60 8.76 9.12
C ARG A 18 6.23 7.85 10.21
N PHE A 19 5.57 6.73 10.50
CA PHE A 19 6.10 5.71 11.44
C PHE A 19 5.43 4.39 11.10
N PRO A 20 6.12 3.23 11.28
CA PRO A 20 5.47 1.97 10.84
C PRO A 20 4.40 1.41 11.78
N ILE A 21 3.27 2.09 11.88
CA ILE A 21 2.14 1.69 12.70
C ILE A 21 0.82 1.97 11.96
N PRO A 22 -0.27 1.32 12.36
CA PRO A 22 -1.56 1.53 11.66
C PRO A 22 -2.15 2.92 11.92
N LEU A 23 -2.95 3.43 11.00
CA LEU A 23 -3.72 4.62 11.33
C LEU A 23 -4.79 4.27 12.33
N GLU A 24 -5.17 5.23 13.16
CA GLU A 24 -6.22 4.98 14.15
C GLU A 24 -7.48 5.86 13.97
N LYS A 25 -7.28 7.09 13.54
CA LYS A 25 -8.36 8.05 13.52
C LYS A 25 -8.02 9.28 12.69
N LEU A 26 -8.98 10.17 12.57
CA LEU A 26 -8.87 11.38 11.82
C LEU A 26 -8.98 12.56 12.77
N PHE A 27 -8.10 13.53 12.58
CA PHE A 27 -8.12 14.70 13.45
C PHE A 27 -8.02 15.97 12.62
N THR A 28 -8.77 16.98 13.00
CA THR A 28 -8.54 18.29 12.43
C THR A 28 -8.30 19.32 13.52
N GLY A 29 -7.38 20.25 13.26
CA GLY A 29 -7.12 21.35 14.16
C GLY A 29 -6.43 22.47 13.42
N PRO A 30 -6.35 23.66 14.03
CA PRO A 30 -5.63 24.81 13.50
C PRO A 30 -4.14 24.56 13.38
N SER A 31 -3.51 25.00 12.31
CA SER A 31 -2.08 24.70 12.13
C SER A 31 -1.18 25.94 11.99
N SER A 32 -1.66 27.10 12.43
CA SER A 32 -0.92 28.37 12.38
C SER A 32 0.22 28.53 13.41
N ALA A 33 0.10 27.85 14.56
CA ALA A 33 1.10 27.89 15.63
C ALA A 33 2.40 27.20 15.24
N PHE A 34 2.35 26.33 14.24
CA PHE A 34 3.54 25.61 13.84
C PHE A 34 3.69 25.53 12.33
N VAL A 35 4.86 25.07 11.89
CA VAL A 35 5.13 24.86 10.50
C VAL A 35 4.89 23.41 10.24
N VAL A 36 3.94 23.14 9.35
CA VAL A 36 3.63 21.77 8.98
C VAL A 36 4.39 21.41 7.73
N GLN A 37 5.52 20.72 7.91
CA GLN A 37 6.35 20.33 6.78
C GLN A 37 6.95 18.94 6.94
N PRO A 38 6.12 17.91 7.12
CA PRO A 38 6.72 16.57 7.22
C PRO A 38 7.32 16.16 5.88
N GLN A 39 8.31 15.28 5.92
CA GLN A 39 9.00 14.88 4.71
C GLN A 39 8.64 13.46 4.26
N ASN A 40 8.09 12.67 5.18
CA ASN A 40 7.54 11.35 4.89
C ASN A 40 6.04 11.50 4.68
N GLY A 41 5.46 10.59 3.91
CA GLY A 41 4.08 10.72 3.51
C GLY A 41 3.79 11.93 2.62
N ARG A 42 4.72 12.25 1.73
CA ARG A 42 4.57 13.37 0.83
C ARG A 42 4.60 12.85 -0.60
N CYS A 43 3.47 13.03 -1.27
CA CYS A 43 3.31 12.54 -2.63
C CYS A 43 2.24 13.34 -3.36
N THR A 44 2.43 13.58 -4.65
CA THR A 44 1.35 14.26 -5.40
C THR A 44 0.23 13.28 -5.81
N THR A 45 -0.94 13.83 -6.11
CA THR A 45 -2.05 12.96 -6.46
C THR A 45 -1.73 12.19 -7.74
N ASP A 46 -0.84 12.73 -8.59
CA ASP A 46 -0.46 11.98 -9.79
C ASP A 46 0.80 11.17 -9.52
N GLY A 47 1.14 10.96 -8.26
CA GLY A 47 2.13 9.96 -7.91
C GLY A 47 3.61 10.32 -7.98
N VAL A 48 3.94 11.59 -7.79
CA VAL A 48 5.33 12.02 -7.70
C VAL A 48 5.73 12.07 -6.20
N LEU A 49 6.63 11.17 -5.81
CA LEU A 49 7.10 11.13 -4.42
C LEU A 49 7.99 12.35 -4.08
N LEU A 50 7.72 12.95 -2.92
CA LEU A 50 8.39 14.18 -2.47
C LEU A 50 9.16 13.99 -1.14
N GLY A 51 10.00 14.94 -0.77
CA GLY A 51 10.71 14.83 0.51
C GLY A 51 11.57 13.59 0.65
N THR A 52 11.38 12.83 1.73
CA THR A 52 12.13 11.61 1.96
C THR A 52 11.20 10.38 1.78
N THR A 53 10.10 10.59 1.08
CA THR A 53 9.07 9.56 0.96
C THR A 53 9.49 8.40 0.05
N GLN A 54 9.35 7.17 0.55
CA GLN A 54 9.58 5.98 -0.27
C GLN A 54 8.35 5.08 -0.09
N LEU A 55 8.28 3.98 -0.82
CA LEU A 55 7.04 3.20 -0.96
C LEU A 55 6.64 2.30 0.21
N SER A 56 7.59 1.56 0.80
CA SER A 56 7.25 0.58 1.84
C SER A 56 7.15 1.15 3.26
N PRO A 57 6.05 0.84 3.94
CA PRO A 57 5.79 1.27 5.31
C PRO A 57 6.84 0.72 6.30
N VAL A 58 7.37 -0.46 6.02
CA VAL A 58 8.30 -1.09 6.99
C VAL A 58 9.68 -0.43 6.94
N ASN A 59 9.97 0.38 5.93
CA ASN A 59 11.27 1.06 5.86
C ASN A 59 11.30 2.42 6.57
N ILE A 60 10.15 2.90 7.03
CA ILE A 60 10.11 4.19 7.67
C ILE A 60 10.78 4.17 9.06
N CYS A 61 11.74 5.08 9.26
CA CYS A 61 12.53 5.22 10.50
C CYS A 61 13.40 3.99 10.79
N THR A 62 13.85 3.32 9.74
CA THR A 62 14.82 2.24 9.90
C THR A 62 16.16 2.74 9.35
N PHE A 63 17.27 2.19 9.84
CA PHE A 63 18.60 2.51 9.30
C PHE A 63 19.42 1.23 9.04
N ARG A 64 20.26 1.27 8.03
CA ARG A 64 21.17 0.18 7.71
C ARG A 64 22.58 0.70 7.48
N GLY A 65 23.54 -0.17 7.76
CA GLY A 65 24.91 0.14 7.54
C GLY A 65 25.79 -0.67 8.47
N ASP A 66 26.97 -0.13 8.70
CA ASP A 66 27.91 -0.75 9.60
C ASP A 66 28.15 0.21 10.75
N VAL A 67 28.59 -0.33 11.88
CA VAL A 67 28.76 0.49 13.07
C VAL A 67 30.22 0.56 13.51
N THR A 68 30.53 1.70 14.12
CA THR A 68 31.82 1.99 14.70
C THR A 68 31.63 2.37 16.15
N HIS A 69 32.30 1.66 17.05
CA HIS A 69 32.15 1.94 18.46
C HIS A 69 32.82 3.26 18.87
N ILE A 70 32.14 4.04 19.70
CA ILE A 70 32.73 5.27 20.24
C ILE A 70 33.35 4.96 21.61
N THR A 71 34.68 4.88 21.67
CA THR A 71 35.37 4.35 22.86
C THR A 71 35.01 5.13 24.15
N GLY A 72 34.87 4.37 25.25
CA GLY A 72 34.44 4.92 26.52
C GLY A 72 32.93 5.07 26.66
N SER A 73 32.18 4.67 25.64
CA SER A 73 30.72 4.81 25.69
C SER A 73 29.95 3.54 25.29
N ARG A 74 28.67 3.54 25.59
CA ARG A 74 27.77 2.52 25.12
C ARG A 74 27.12 3.02 23.79
N ASN A 75 27.83 3.90 23.08
CA ASN A 75 27.33 4.59 21.90
C ASN A 75 28.01 4.17 20.61
N TYR A 76 27.25 4.07 19.53
CA TYR A 76 27.82 3.64 18.26
C TYR A 76 27.48 4.61 17.13
N THR A 77 28.40 4.75 16.18
CA THR A 77 28.10 5.53 14.97
C THR A 77 27.86 4.59 13.84
N MET A 78 26.71 4.74 13.17
CA MET A 78 26.42 3.96 12.00
C MET A 78 26.76 4.73 10.74
N ASN A 79 27.60 4.15 9.89
CA ASN A 79 27.86 4.69 8.57
C ASN A 79 26.78 4.12 7.66
N LEU A 80 25.82 4.95 7.25
CA LEU A 80 24.61 4.46 6.56
C LEU A 80 24.87 3.83 5.20
N ALA A 81 24.06 2.83 4.88
CA ALA A 81 24.04 2.26 3.53
C ALA A 81 22.61 2.38 3.06
N SER A 82 22.36 2.19 1.77
CA SER A 82 20.99 2.26 1.22
C SER A 82 20.24 0.98 1.61
N GLN A 83 18.93 0.90 1.32
CA GLN A 83 18.13 -0.24 1.80
C GLN A 83 18.65 -1.58 1.28
N ASN A 84 19.34 -1.59 0.15
CA ASN A 84 19.87 -2.85 -0.38
C ASN A 84 21.32 -3.11 -0.02
N TRP A 85 21.83 -2.32 0.93
CA TRP A 85 23.19 -2.43 1.49
C TRP A 85 24.25 -1.89 0.57
N ASN A 86 23.83 -1.23 -0.50
CA ASN A 86 24.80 -0.56 -1.37
C ASN A 86 25.19 0.77 -0.75
N ASP A 87 26.14 1.45 -1.39
CA ASP A 87 26.62 2.75 -0.91
C ASP A 87 25.50 3.76 -0.86
N TYR A 88 25.52 4.60 0.16
CA TYR A 88 24.59 5.72 0.24
C TYR A 88 25.25 6.96 -0.40
N ASP A 89 24.50 7.69 -1.25
CA ASP A 89 25.05 8.87 -1.96
C ASP A 89 24.50 10.17 -1.41
N PRO A 90 25.34 10.93 -0.68
CA PRO A 90 24.97 12.20 -0.04
C PRO A 90 24.67 13.34 -1.05
N THR A 91 25.04 13.18 -2.33
CA THR A 91 24.78 14.21 -3.35
C THR A 91 23.38 14.16 -3.96
N GLU A 92 22.60 13.13 -3.65
CA GLU A 92 21.27 13.00 -4.23
C GLU A 92 20.35 14.14 -3.81
N GLU A 93 19.47 14.55 -4.71
CA GLU A 93 18.64 15.72 -4.43
C GLU A 93 17.47 15.37 -3.54
N ILE A 94 17.78 14.89 -2.34
CA ILE A 94 16.77 14.59 -1.34
C ILE A 94 17.25 15.16 0.01
N PRO A 95 16.32 15.45 0.94
CA PRO A 95 16.81 16.00 2.22
C PRO A 95 17.68 15.01 2.99
N ALA A 96 17.34 13.73 2.93
CA ALA A 96 18.03 12.70 3.71
C ALA A 96 17.73 11.38 3.02
N PRO A 97 18.34 10.27 3.49
CA PRO A 97 17.93 8.97 2.93
C PRO A 97 16.43 8.77 3.07
N LEU A 98 15.81 8.19 2.05
CA LEU A 98 14.36 8.02 2.05
C LEU A 98 13.97 7.15 3.27
N GLY A 99 12.96 7.59 4.04
CA GLY A 99 12.52 6.87 5.21
C GLY A 99 13.10 7.41 6.53
N THR A 100 14.02 8.35 6.43
CA THR A 100 14.61 9.00 7.61
C THR A 100 13.51 9.65 8.43
N PRO A 101 13.55 9.51 9.76
CA PRO A 101 12.52 10.13 10.60
C PRO A 101 12.41 11.61 10.32
N ASP A 102 11.20 12.16 10.30
CA ASP A 102 11.09 13.55 9.95
C ASP A 102 10.60 14.38 11.14
N PHE A 103 10.96 13.96 12.34
CA PHE A 103 10.60 14.74 13.51
C PHE A 103 11.69 14.63 14.57
N VAL A 104 11.77 15.63 15.45
CA VAL A 104 12.79 15.67 16.54
C VAL A 104 12.24 14.95 17.74
N GLY A 105 12.92 13.88 18.13
CA GLY A 105 12.53 13.11 19.32
C GLY A 105 13.47 11.96 19.53
N LYS A 106 13.17 11.14 20.53
CA LYS A 106 14.00 9.99 20.83
C LYS A 106 13.32 8.67 20.38
N ILE A 107 13.89 8.02 19.38
CA ILE A 107 13.29 6.82 18.88
C ILE A 107 14.02 5.57 19.41
N GLN A 108 13.29 4.76 20.16
CA GLN A 108 13.84 3.52 20.67
C GLN A 108 13.50 2.36 19.75
N GLY A 109 14.44 1.46 19.65
CA GLY A 109 14.32 0.31 18.81
C GLY A 109 15.35 -0.70 19.15
N VAL A 110 15.70 -1.50 18.15
CA VAL A 110 16.70 -2.55 18.34
C VAL A 110 17.71 -2.52 17.21
N LEU A 111 18.99 -2.57 17.57
CA LEU A 111 20.02 -2.77 16.59
C LEU A 111 20.32 -4.26 16.44
N THR A 112 20.26 -4.77 15.24
CA THR A 112 20.57 -6.17 15.02
C THR A 112 21.74 -6.31 14.08
N GLN A 113 22.49 -7.38 14.22
CA GLN A 113 23.65 -7.55 13.39
C GLN A 113 23.90 -9.02 13.13
N THR A 114 24.39 -9.30 11.94
CA THR A 114 24.80 -10.64 11.56
C THR A 114 26.25 -10.62 11.12
N THR A 115 27.02 -11.58 11.62
CA THR A 115 28.40 -11.74 11.13
C THR A 115 28.43 -12.61 9.85
N ARG A 116 29.00 -12.04 8.80
CA ARG A 116 28.98 -12.59 7.45
C ARG A 116 29.57 -14.01 7.30
N THR A 117 30.69 -14.26 7.95
CA THR A 117 31.38 -15.53 7.79
C THR A 117 30.67 -16.72 8.42
N ASP A 118 30.14 -16.57 9.63
CA ASP A 118 29.52 -17.73 10.30
C ASP A 118 28.01 -17.57 10.61
N GLY A 119 27.41 -16.45 10.26
CA GLY A 119 25.98 -16.27 10.48
C GLY A 119 25.56 -16.14 11.93
N SER A 120 26.51 -15.81 12.82
CA SER A 120 26.21 -15.52 14.23
C SER A 120 25.52 -14.16 14.32
N THR A 121 24.57 -14.02 15.22
CA THR A 121 23.75 -12.81 15.25
C THR A 121 23.64 -12.21 16.65
N ARG A 122 23.35 -10.91 16.72
CA ARG A 122 23.20 -10.25 17.99
C ARG A 122 22.26 -9.07 17.87
N GLY A 123 21.51 -8.77 18.92
CA GLY A 123 20.62 -7.62 18.92
C GLY A 123 20.68 -6.91 20.25
N HIS A 124 20.55 -5.58 20.23
CA HIS A 124 20.57 -4.81 21.47
C HIS A 124 19.63 -3.63 21.42
N LYS A 125 19.07 -3.30 22.58
CA LYS A 125 18.25 -2.13 22.72
C LYS A 125 19.04 -0.87 22.30
N ALA A 126 18.41 -0.04 21.48
CA ALA A 126 19.08 1.11 20.91
C ALA A 126 18.15 2.32 20.82
N THR A 127 18.73 3.49 21.04
CA THR A 127 17.98 4.72 20.97
C THR A 127 18.65 5.74 20.07
N VAL A 128 17.89 6.33 19.14
CA VAL A 128 18.45 7.40 18.34
C VAL A 128 17.71 8.69 18.70
N TYR A 129 18.48 9.72 19.04
CA TYR A 129 17.97 11.05 19.33
C TYR A 129 18.15 11.86 18.05
N THR A 130 17.04 12.15 17.39
CA THR A 130 17.10 12.80 16.09
C THR A 130 17.42 14.29 16.24
N GLY A 131 17.36 14.80 17.47
CA GLY A 131 17.78 16.15 17.73
C GLY A 131 19.24 16.29 18.13
N SER A 132 19.99 15.19 18.19
CA SER A 132 21.37 15.30 18.63
C SER A 132 22.27 15.90 17.55
N ALA A 133 23.39 16.45 18.03
CA ALA A 133 24.39 17.06 17.18
C ALA A 133 24.93 16.08 16.16
N ASP A 134 25.00 14.80 16.50
CA ASP A 134 25.54 13.82 15.58
C ASP A 134 24.47 13.08 14.72
N PHE A 135 23.21 13.52 14.77
CA PHE A 135 22.22 12.96 13.84
C PHE A 135 22.47 13.65 12.49
N ALA A 136 23.19 12.98 11.60
CA ALA A 136 23.49 13.58 10.30
C ALA A 136 23.24 12.60 9.16
N PRO A 137 22.01 12.05 9.09
CA PRO A 137 21.76 11.02 8.06
C PRO A 137 22.03 11.47 6.62
N LYS A 138 21.78 12.75 6.33
CA LYS A 138 22.04 13.30 5.01
C LYS A 138 23.52 13.17 4.66
N LEU A 139 24.41 13.32 5.65
CA LEU A 139 25.83 13.11 5.44
C LEU A 139 26.21 11.63 5.56
N GLY A 140 25.24 10.81 5.98
CA GLY A 140 25.44 9.36 6.06
C GLY A 140 25.89 8.77 7.38
N ARG A 141 25.71 9.51 8.46
CA ARG A 141 26.05 9.01 9.80
C ARG A 141 24.99 9.41 10.84
N VAL A 142 24.60 8.45 11.65
CA VAL A 142 23.75 8.72 12.79
C VAL A 142 24.36 7.96 13.96
N GLN A 143 24.08 8.42 15.16
CA GLN A 143 24.66 7.81 16.35
C GLN A 143 23.56 7.15 17.18
N PHE A 144 23.85 5.95 17.65
CA PHE A 144 22.90 5.20 18.46
C PHE A 144 23.39 5.06 19.90
N GLU A 145 22.45 5.20 20.82
CA GLU A 145 22.71 4.96 22.22
C GLU A 145 22.30 3.52 22.60
N THR A 146 23.25 2.69 23.04
CA THR A 146 22.97 1.28 23.30
C THR A 146 23.26 0.77 24.72
N ASP A 147 23.00 -0.51 24.94
CA ASP A 147 23.25 -1.09 26.25
C ASP A 147 24.47 -2.01 26.26
N THR A 148 25.30 -1.89 25.23
CA THR A 148 26.55 -2.64 25.16
C THR A 148 27.69 -1.72 24.78
N ASP A 149 28.90 -2.01 25.27
CA ASP A 149 30.07 -1.26 24.84
C ASP A 149 31.02 -2.20 24.11
N ARG A 150 30.56 -3.42 23.85
CA ARG A 150 31.48 -4.51 23.51
C ARG A 150 30.97 -5.50 22.44
N ASP A 151 29.67 -5.63 22.29
CA ASP A 151 29.13 -6.74 21.52
C ASP A 151 29.08 -6.52 19.98
N PHE A 152 28.77 -5.31 19.50
CA PHE A 152 28.75 -5.13 18.06
C PHE A 152 30.13 -5.20 17.39
N GLU A 153 30.15 -5.71 16.17
CA GLU A 153 31.38 -5.89 15.40
C GLU A 153 31.50 -4.83 14.30
N ALA A 154 32.73 -4.61 13.84
CA ALA A 154 32.98 -3.63 12.80
C ALA A 154 32.79 -4.27 11.46
N ASN A 155 32.45 -3.47 10.47
CA ASN A 155 32.30 -3.94 9.10
C ASN A 155 31.31 -5.07 8.91
N GLN A 156 30.23 -5.06 9.69
CA GLN A 156 29.19 -6.07 9.53
C GLN A 156 27.82 -5.47 9.41
N ASN A 157 26.98 -6.08 8.55
CA ASN A 157 25.62 -5.60 8.31
C ASN A 157 24.84 -5.46 9.60
N THR A 158 24.40 -4.22 9.81
CA THR A 158 23.70 -3.81 11.02
C THR A 158 22.44 -3.04 10.70
N LYS A 159 21.36 -3.36 11.39
CA LYS A 159 20.08 -2.71 11.14
C LYS A 159 19.45 -2.20 12.41
N PHE A 160 18.84 -1.01 12.31
CA PHE A 160 17.99 -0.46 13.36
C PHE A 160 16.52 -0.68 12.97
N THR A 161 15.78 -1.31 13.86
CA THR A 161 14.35 -1.48 13.73
C THR A 161 13.71 -0.59 14.79
N PRO A 162 12.88 0.38 14.37
CA PRO A 162 12.19 1.29 15.29
C PRO A 162 11.04 0.58 16.01
N VAL A 163 10.79 0.97 17.26
CA VAL A 163 9.67 0.44 18.00
C VAL A 163 8.70 1.54 18.44
N GLY A 164 9.24 2.53 19.14
CA GLY A 164 8.41 3.57 19.70
C GLY A 164 9.22 4.80 20.08
N VAL A 165 8.62 5.64 20.91
CA VAL A 165 9.30 6.85 21.34
C VAL A 165 9.44 6.92 22.85
N ILE A 166 10.36 7.75 23.31
CA ILE A 166 10.53 7.97 24.73
C ILE A 166 10.59 9.43 25.11
N GLN A 167 10.30 9.69 26.38
CA GLN A 167 10.54 10.96 27.03
C GLN A 167 11.47 10.70 28.24
N ASP A 168 12.63 11.37 28.25
CA ASP A 168 13.54 11.28 29.38
C ASP A 168 14.43 12.52 29.45
N GLY A 169 15.43 12.45 30.33
CA GLY A 169 16.45 13.49 30.41
C GLY A 169 16.01 14.81 30.99
N GLY A 170 14.93 14.79 31.77
CA GLY A 170 14.41 15.99 32.41
C GLY A 170 13.47 16.87 31.58
N THR A 171 13.15 16.43 30.37
CA THR A 171 12.18 17.18 29.55
C THR A 171 10.78 17.17 30.16
N THR A 172 9.92 18.07 29.70
CA THR A 172 8.58 18.18 30.27
C THR A 172 7.71 17.05 29.71
N HIS A 173 6.74 16.62 30.51
CA HIS A 173 5.84 15.54 30.12
C HIS A 173 5.10 15.99 28.87
N ARG A 174 5.12 15.13 27.85
CA ARG A 174 4.41 15.32 26.62
C ARG A 174 4.89 16.57 25.84
N ASN A 175 6.11 17.02 26.13
CA ASN A 175 6.73 18.09 25.33
C ASN A 175 7.78 17.53 24.40
N GLU A 176 7.93 16.22 24.39
CA GLU A 176 8.71 15.51 23.38
C GLU A 176 8.08 14.15 23.09
N PRO A 177 8.23 13.66 21.86
CA PRO A 177 8.83 14.31 20.70
C PRO A 177 7.99 15.47 20.14
N GLN A 178 8.60 16.19 19.22
CA GLN A 178 7.97 17.34 18.62
C GLN A 178 7.73 17.01 17.17
N GLN A 179 6.54 16.54 16.88
CA GLN A 179 6.26 15.99 15.56
C GLN A 179 6.31 17.03 14.41
N TRP A 180 6.14 18.32 14.70
CA TRP A 180 6.19 19.30 13.65
C TRP A 180 7.53 20.03 13.57
N VAL A 181 8.53 19.55 14.31
CA VAL A 181 9.86 20.10 14.19
C VAL A 181 10.76 19.12 13.42
N LEU A 182 11.23 19.52 12.25
CA LEU A 182 12.16 18.72 11.43
C LEU A 182 13.55 18.60 12.12
N PRO A 183 14.22 17.44 11.94
CA PRO A 183 15.61 17.33 12.38
C PRO A 183 16.48 18.16 11.46
N SER A 184 17.72 18.43 11.91
CA SER A 184 18.77 18.98 11.05
C SER A 184 19.48 17.79 10.44
N TYR A 185 19.13 17.48 9.21
CA TYR A 185 19.51 16.22 8.57
C TYR A 185 21.00 16.09 8.34
N SER A 186 21.69 17.22 8.22
CA SER A 186 23.13 17.19 8.03
C SER A 186 23.88 17.40 9.36
N GLY A 187 23.16 17.45 10.48
CA GLY A 187 23.82 17.61 11.78
C GLY A 187 23.62 18.95 12.44
N ARG A 188 24.33 19.18 13.52
CA ARG A 188 24.15 20.38 14.31
C ARG A 188 24.35 21.65 13.50
N ASN A 189 23.39 22.58 13.60
CA ASN A 189 23.52 23.93 13.02
C ASN A 189 23.74 23.91 11.50
N THR A 190 23.04 23.01 10.82
CA THR A 190 23.04 22.92 9.35
C THR A 190 21.66 23.20 8.74
N HIS A 191 21.63 23.74 7.52
N HIS A 191 21.62 23.64 7.49
CA HIS A 191 20.37 23.97 6.79
CA HIS A 191 20.31 23.94 6.91
C HIS A 191 19.87 22.73 6.05
C HIS A 191 19.86 22.79 6.02
N ASN A 192 18.58 22.43 6.14
CA ASN A 192 18.02 21.33 5.36
C ASN A 192 17.82 21.71 3.89
N VAL A 193 17.97 20.76 2.98
CA VAL A 193 17.80 21.05 1.54
C VAL A 193 16.75 20.15 0.93
N HIS A 194 16.23 20.59 -0.21
CA HIS A 194 15.33 19.76 -1.04
C HIS A 194 14.09 19.33 -0.34
N LEU A 195 13.55 20.15 0.54
CA LEU A 195 12.39 19.75 1.32
C LEU A 195 11.09 19.69 0.48
N ALA A 196 10.20 18.78 0.84
CA ALA A 196 8.85 18.92 0.37
C ALA A 196 8.38 20.19 1.05
N PRO A 197 7.54 21.00 0.38
CA PRO A 197 7.15 22.32 0.92
C PRO A 197 6.27 22.23 2.17
N ALA A 198 6.23 23.31 2.95
CA ALA A 198 5.31 23.40 4.08
C ALA A 198 3.90 23.52 3.54
N VAL A 199 2.90 23.05 4.29
CA VAL A 199 1.51 23.12 3.84
C VAL A 199 0.65 23.87 4.88
N ALA A 200 -0.35 24.59 4.38
CA ALA A 200 -1.29 25.33 5.20
C ALA A 200 -2.61 25.48 4.47
N PRO A 201 -3.72 25.58 5.23
CA PRO A 201 -5.00 25.96 4.64
C PRO A 201 -4.91 27.42 4.22
N THR A 202 -5.46 27.75 3.07
CA THR A 202 -5.41 29.13 2.61
C THR A 202 -6.76 29.84 2.75
N PHE A 203 -7.81 29.10 2.42
CA PHE A 203 -9.20 29.55 2.50
C PHE A 203 -9.59 29.74 3.95
N PRO A 204 -10.36 30.79 4.25
CA PRO A 204 -10.80 31.01 5.65
C PRO A 204 -11.78 29.93 6.15
N GLY A 205 -11.66 29.54 7.42
CA GLY A 205 -12.53 28.53 8.02
C GLY A 205 -12.09 27.13 7.65
N GLU A 206 -10.98 27.06 6.94
CA GLU A 206 -10.44 25.81 6.45
C GLU A 206 -9.29 25.35 7.35
N GLN A 207 -9.21 24.05 7.58
CA GLN A 207 -8.13 23.45 8.38
C GLN A 207 -7.62 22.21 7.70
N LEU A 208 -6.40 21.82 8.03
CA LEU A 208 -5.86 20.55 7.56
C LEU A 208 -6.64 19.43 8.21
N LEU A 209 -6.75 18.33 7.49
CA LEU A 209 -7.25 17.09 8.05
C LEU A 209 -6.06 16.14 8.23
N PHE A 210 -5.86 15.67 9.45
CA PHE A 210 -4.72 14.80 9.75
C PHE A 210 -5.13 13.33 9.87
N PHE A 211 -4.28 12.46 9.35
CA PHE A 211 -4.46 11.02 9.56
C PHE A 211 -3.62 10.58 10.80
N ARG A 212 -4.32 10.22 11.87
CA ARG A 212 -3.66 10.12 13.18
C ARG A 212 -3.43 8.69 13.71
N SER A 213 -2.24 8.51 14.25
CA SER A 213 -1.82 7.31 14.96
C SER A 213 -1.26 7.65 16.37
N THR A 214 -1.19 6.63 17.20
CA THR A 214 -0.55 6.77 18.52
C THR A 214 0.70 5.96 18.53
N MET A 215 1.86 6.60 18.52
CA MET A 215 3.12 5.85 18.57
C MET A 215 3.24 5.09 19.91
N PRO A 216 3.83 3.89 19.86
CA PRO A 216 4.14 3.17 21.10
C PRO A 216 5.13 3.97 21.96
N GLY A 217 4.91 4.01 23.27
CA GLY A 217 5.85 4.68 24.17
C GLY A 217 6.66 3.63 24.91
N CYS A 218 7.98 3.79 24.95
CA CYS A 218 8.86 2.79 25.57
C CYS A 218 9.38 3.21 26.96
N SER A 219 9.27 4.50 27.26
CA SER A 219 9.72 5.06 28.51
C SER A 219 9.19 6.49 28.76
N GLY A 220 8.86 6.82 30.00
CA GLY A 220 8.46 8.17 30.36
C GLY A 220 7.04 8.56 29.95
N TYR A 221 6.85 9.87 29.66
CA TYR A 221 5.55 10.43 29.33
C TYR A 221 5.61 11.17 27.96
N PRO A 222 5.83 10.42 26.88
CA PRO A 222 6.02 11.10 25.61
C PRO A 222 4.70 11.51 25.00
N ASN A 223 4.77 12.51 24.12
CA ASN A 223 3.65 12.87 23.25
C ASN A 223 3.63 11.86 22.13
N MET A 224 2.64 10.99 22.16
CA MET A 224 2.62 9.90 21.19
C MET A 224 1.72 10.20 19.99
N ASP A 225 1.21 11.42 19.90
CA ASP A 225 0.40 11.84 18.75
C ASP A 225 1.26 11.92 17.48
N LEU A 226 0.88 11.19 16.44
CA LEU A 226 1.58 11.31 15.19
C LEU A 226 0.59 11.50 14.00
N ASP A 227 0.72 12.63 13.33
CA ASP A 227 -0.19 13.01 12.26
C ASP A 227 0.53 12.96 10.95
N CYS A 228 -0.10 12.36 9.95
CA CYS A 228 0.47 12.39 8.60
C CYS A 228 -0.55 13.03 7.62
N LEU A 229 -0.02 13.62 6.56
CA LEU A 229 -0.86 14.30 5.57
C LEU A 229 -1.59 13.31 4.63
N LEU A 230 -0.93 12.19 4.37
CA LEU A 230 -1.51 11.15 3.54
C LEU A 230 -1.24 9.78 4.14
N PRO A 231 -2.23 8.89 4.11
CA PRO A 231 -1.90 7.52 4.48
C PRO A 231 -0.83 6.96 3.56
N GLN A 232 0.02 6.08 4.08
CA GLN A 232 1.04 5.45 3.26
C GLN A 232 0.38 4.70 2.06
N GLU A 233 -0.82 4.17 2.26
CA GLU A 233 -1.50 3.46 1.18
C GLU A 233 -1.89 4.40 0.02
N TRP A 234 -2.24 5.64 0.33
CA TRP A 234 -2.54 6.62 -0.73
C TRP A 234 -1.27 6.94 -1.51
N VAL A 235 -0.14 7.03 -0.80
CA VAL A 235 1.14 7.27 -1.46
C VAL A 235 1.43 6.17 -2.45
N GLN A 236 1.27 4.94 -2.00
CA GLN A 236 1.54 3.77 -2.82
C GLN A 236 0.56 3.69 -4.02
N TYR A 237 -0.70 3.99 -3.77
CA TYR A 237 -1.74 4.00 -4.79
C TYR A 237 -1.52 5.08 -5.85
N PHE A 238 -1.28 6.31 -5.40
CA PHE A 238 -1.03 7.41 -6.34
C PHE A 238 0.21 7.15 -7.20
N TYR A 239 1.26 6.58 -6.60
CA TYR A 239 2.45 6.21 -7.36
C TYR A 239 2.12 5.14 -8.41
N GLN A 240 1.30 4.18 -8.03
CA GLN A 240 0.88 3.12 -8.96
C GLN A 240 0.00 3.69 -10.10
N GLU A 241 -1.05 4.41 -9.71
CA GLU A 241 -2.00 4.95 -10.68
C GLU A 241 -1.41 6.01 -11.60
N ALA A 242 -0.70 6.99 -11.04
CA ALA A 242 -0.11 8.08 -11.84
C ALA A 242 -1.21 8.73 -12.68
N ALA A 243 -2.38 8.94 -12.09
CA ALA A 243 -3.48 9.57 -12.82
C ALA A 243 -3.30 11.09 -12.93
N PRO A 244 -3.34 11.65 -14.14
CA PRO A 244 -3.09 13.10 -14.23
C PRO A 244 -4.17 13.90 -13.50
N ALA A 245 -3.80 14.98 -12.82
CA ALA A 245 -4.78 15.82 -12.13
C ALA A 245 -5.40 16.76 -13.12
N GLN A 246 -6.72 16.93 -13.07
CA GLN A 246 -7.46 17.81 -13.99
C GLN A 246 -7.67 19.20 -13.40
N SER A 247 -7.29 19.36 -12.13
CA SER A 247 -7.32 20.66 -11.43
C SER A 247 -6.40 20.56 -10.17
N ASP A 248 -6.30 21.65 -9.43
CA ASP A 248 -5.48 21.69 -8.20
C ASP A 248 -6.08 20.90 -7.04
N VAL A 249 -7.40 20.74 -7.05
CA VAL A 249 -8.13 20.16 -5.93
C VAL A 249 -9.12 19.03 -6.28
N ALA A 250 -8.93 17.89 -5.63
CA ALA A 250 -9.85 16.77 -5.80
C ALA A 250 -10.86 16.75 -4.68
N LEU A 251 -12.13 16.70 -5.06
CA LEU A 251 -13.21 16.64 -4.07
C LEU A 251 -13.45 15.19 -3.68
N LEU A 252 -13.31 14.93 -2.37
CA LEU A 252 -13.49 13.62 -1.78
C LEU A 252 -14.70 13.67 -0.89
N ARG A 253 -15.46 12.60 -0.86
CA ARG A 253 -16.57 12.51 0.07
C ARG A 253 -16.28 11.35 0.99
N PHE A 254 -16.43 11.55 2.28
CA PHE A 254 -16.25 10.43 3.21
C PHE A 254 -17.59 9.71 3.38
N VAL A 255 -17.65 8.48 2.90
CA VAL A 255 -18.91 7.77 2.77
C VAL A 255 -19.04 6.53 3.65
N ASN A 256 -20.21 6.40 4.27
CA ASN A 256 -20.61 5.20 4.96
C ASN A 256 -21.30 4.24 3.99
N PRO A 257 -20.62 3.13 3.63
CA PRO A 257 -21.16 2.16 2.68
C PRO A 257 -22.38 1.44 3.25
N ASP A 258 -22.53 1.38 4.57
CA ASP A 258 -23.69 0.71 5.15
C ASP A 258 -24.98 1.43 4.74
N THR A 259 -24.95 2.77 4.72
CA THR A 259 -26.15 3.58 4.37
C THR A 259 -26.04 4.28 3.01
N GLY A 260 -24.85 4.35 2.45
CA GLY A 260 -24.61 5.06 1.22
C GLY A 260 -24.52 6.57 1.45
N ARG A 261 -24.74 7.01 2.68
CA ARG A 261 -24.70 8.44 2.99
C ARG A 261 -23.29 9.01 3.20
N VAL A 262 -23.19 10.30 2.95
CA VAL A 262 -21.96 11.04 3.03
C VAL A 262 -21.80 11.67 4.39
N LEU A 263 -20.76 11.30 5.09
CA LEU A 263 -20.51 11.89 6.40
C LEU A 263 -20.04 13.34 6.32
N PHE A 264 -19.01 13.58 5.50
CA PHE A 264 -18.47 14.93 5.28
C PHE A 264 -17.71 15.00 3.95
N GLU A 265 -17.35 16.19 3.53
CA GLU A 265 -16.59 16.30 2.29
C GLU A 265 -15.29 17.05 2.55
N CYS A 266 -14.30 16.84 1.69
CA CYS A 266 -13.01 17.47 1.87
C CYS A 266 -12.24 17.64 0.56
N LYS A 267 -11.17 18.44 0.61
CA LYS A 267 -10.36 18.67 -0.57
C LYS A 267 -9.00 17.99 -0.44
N LEU A 268 -8.72 17.13 -1.42
CA LEU A 268 -7.40 16.53 -1.54
C LEU A 268 -6.63 17.37 -2.55
N HIS A 269 -5.66 18.13 -2.04
CA HIS A 269 -4.88 18.98 -2.92
C HIS A 269 -3.89 18.17 -3.72
N LYS A 270 -3.65 18.62 -4.94
CA LYS A 270 -2.80 17.94 -5.89
C LYS A 270 -1.38 17.73 -5.37
N SER A 271 -0.87 18.71 -4.61
CA SER A 271 0.49 18.62 -4.11
C SER A 271 0.54 17.69 -2.87
N GLY A 272 -0.61 17.14 -2.47
CA GLY A 272 -0.66 16.04 -1.52
C GLY A 272 -0.97 16.27 -0.05
N TYR A 273 -2.14 16.86 0.21
CA TYR A 273 -2.64 17.01 1.56
C TYR A 273 -4.12 17.32 1.50
N VAL A 274 -4.79 17.25 2.64
CA VAL A 274 -6.24 17.34 2.73
C VAL A 274 -6.70 18.46 3.65
N THR A 275 -7.72 19.20 3.22
CA THR A 275 -8.37 20.20 4.05
C THR A 275 -9.87 19.99 4.17
N VAL A 276 -10.39 20.50 5.29
CA VAL A 276 -11.79 20.49 5.61
C VAL A 276 -12.25 21.87 6.07
N ALA A 277 -13.55 22.04 6.09
CA ALA A 277 -14.18 23.25 6.58
C ALA A 277 -14.53 23.02 8.04
N HIS A 278 -13.61 23.36 8.94
CA HIS A 278 -13.86 23.28 10.36
C HIS A 278 -12.95 24.26 11.10
N THR A 279 -13.42 24.78 12.23
CA THR A 279 -12.60 25.65 13.07
C THR A 279 -12.49 25.08 14.48
N GLY A 280 -11.28 24.76 14.90
CA GLY A 280 -11.06 24.22 16.24
C GLY A 280 -10.56 22.80 16.20
N GLN A 281 -10.05 22.31 17.33
CA GLN A 281 -9.52 20.95 17.43
C GLN A 281 -10.68 19.97 17.50
N HIS A 282 -10.61 18.92 16.69
CA HIS A 282 -11.70 17.97 16.68
C HIS A 282 -11.30 16.55 16.32
N ASP A 283 -11.71 15.61 17.16
CA ASP A 283 -11.60 14.19 16.86
C ASP A 283 -12.83 13.70 16.05
N LEU A 284 -12.60 13.32 14.81
CA LEU A 284 -13.70 12.94 13.96
C LEU A 284 -14.29 11.62 14.45
N VAL A 285 -15.61 11.59 14.51
CA VAL A 285 -16.35 10.40 14.86
C VAL A 285 -16.82 9.78 13.57
N ILE A 286 -16.27 8.62 13.24
CA ILE A 286 -16.52 8.03 11.94
C ILE A 286 -17.00 6.59 12.12
N PRO A 287 -17.88 6.14 11.23
CA PRO A 287 -18.30 4.73 11.23
C PRO A 287 -17.14 3.83 10.82
N PRO A 288 -17.12 2.59 11.33
CA PRO A 288 -16.04 1.64 11.09
C PRO A 288 -15.75 1.30 9.64
N ASN A 289 -16.78 1.27 8.80
CA ASN A 289 -16.64 0.85 7.40
C ASN A 289 -16.47 2.03 6.47
N GLY A 290 -16.41 3.23 7.07
CA GLY A 290 -16.33 4.47 6.31
C GLY A 290 -15.07 4.58 5.47
N TYR A 291 -15.19 5.21 4.31
CA TYR A 291 -14.03 5.37 3.46
C TYR A 291 -14.10 6.64 2.58
N PHE A 292 -12.97 7.04 2.01
CA PHE A 292 -12.94 8.22 1.16
C PHE A 292 -13.27 7.85 -0.28
N ARG A 293 -14.08 8.68 -0.94
CA ARG A 293 -14.46 8.47 -2.35
C ARG A 293 -14.22 9.76 -3.18
N PHE A 294 -13.44 9.64 -4.23
CA PHE A 294 -13.17 10.77 -5.10
C PHE A 294 -14.38 11.06 -6.01
N ASP A 295 -14.97 12.25 -5.90
CA ASP A 295 -16.18 12.57 -6.67
C ASP A 295 -16.00 13.54 -7.88
N SER A 296 -14.99 14.42 -7.84
CA SER A 296 -14.82 15.43 -8.89
C SER A 296 -13.56 16.28 -8.73
N TRP A 297 -13.01 16.74 -9.86
CA TRP A 297 -11.97 17.75 -9.84
C TRP A 297 -12.64 19.10 -9.70
N VAL A 298 -12.28 19.83 -8.65
CA VAL A 298 -12.93 21.14 -8.42
C VAL A 298 -11.90 22.25 -8.31
N ASN A 299 -12.30 23.43 -7.87
CA ASN A 299 -11.36 24.54 -7.66
C ASN A 299 -11.81 25.40 -6.47
N GLN A 300 -11.26 26.60 -6.33
CA GLN A 300 -11.59 27.48 -5.21
C GLN A 300 -13.06 27.94 -5.25
N PHE A 301 -13.65 27.93 -6.45
CA PHE A 301 -15.05 28.35 -6.55
C PHE A 301 -16.01 27.43 -5.78
N TYR A 302 -15.65 26.15 -5.65
CA TYR A 302 -16.43 25.21 -4.85
C TYR A 302 -16.12 25.37 -3.35
N THR A 303 -17.15 25.50 -2.54
CA THR A 303 -17.01 25.71 -1.11
C THR A 303 -17.46 24.46 -0.35
N LEU A 304 -16.56 23.91 0.46
CA LEU A 304 -16.85 22.71 1.24
C LEU A 304 -17.98 22.98 2.23
N ALA A 305 -18.95 22.07 2.32
CA ALA A 305 -19.95 22.17 3.37
C ALA A 305 -19.25 21.99 4.75
N PRO A 306 -19.72 22.71 5.77
CA PRO A 306 -19.08 22.59 7.09
C PRO A 306 -19.00 21.15 7.57
N MET A 307 -17.83 20.78 8.05
CA MET A 307 -17.62 19.46 8.59
C MET A 307 -18.07 19.50 10.04
N SER B 1 -15.86 -5.18 -16.88
CA SER B 1 -15.12 -6.41 -16.59
C SER B 1 -13.63 -6.15 -16.32
N LYS B 2 -13.35 -5.47 -15.22
CA LYS B 2 -12.05 -4.95 -14.86
C LYS B 2 -10.85 -5.79 -15.27
N PRO B 3 -9.90 -5.17 -15.95
CA PRO B 3 -8.70 -5.87 -16.41
C PRO B 3 -7.76 -6.18 -15.24
N PHE B 4 -7.24 -7.40 -15.21
CA PHE B 4 -6.29 -7.79 -14.20
C PHE B 4 -4.89 -7.20 -14.50
N SER B 5 -4.12 -6.98 -13.45
CA SER B 5 -2.72 -6.60 -13.59
C SER B 5 -2.02 -6.85 -12.25
N VAL B 6 -0.69 -6.70 -12.25
CA VAL B 6 0.13 -6.71 -11.05
C VAL B 6 0.84 -5.37 -10.93
N PRO B 7 1.20 -4.97 -9.69
CA PRO B 7 1.81 -3.64 -9.51
C PRO B 7 3.10 -3.47 -10.27
N VAL B 8 3.36 -2.26 -10.78
CA VAL B 8 4.65 -2.00 -11.35
C VAL B 8 5.61 -1.66 -10.19
N LEU B 9 6.24 -2.69 -9.65
CA LEU B 9 7.15 -2.54 -8.52
C LEU B 9 8.31 -3.49 -8.70
N THR B 10 9.54 -3.03 -8.40
CA THR B 10 10.69 -3.93 -8.38
C THR B 10 10.58 -4.78 -7.13
N VAL B 11 11.38 -5.84 -7.10
CA VAL B 11 11.38 -6.75 -5.95
C VAL B 11 11.79 -5.97 -4.70
N GLU B 12 12.83 -5.15 -4.85
CA GLU B 12 13.32 -4.34 -3.74
C GLU B 12 12.35 -3.27 -3.26
N GLU B 13 11.42 -2.82 -4.10
CA GLU B 13 10.45 -1.83 -3.66
C GLU B 13 9.33 -2.48 -2.85
N MET B 14 9.33 -3.81 -2.82
CA MET B 14 8.24 -4.52 -2.19
C MET B 14 8.57 -5.09 -0.82
N THR B 15 7.57 -5.66 -0.18
CA THR B 15 7.62 -6.08 1.19
C THR B 15 7.29 -7.56 1.36
N ASN B 16 8.00 -8.23 2.26
CA ASN B 16 7.65 -9.63 2.60
C ASN B 16 6.25 -9.68 3.24
N SER B 17 5.45 -10.67 2.89
CA SER B 17 4.12 -10.72 3.45
C SER B 17 4.07 -11.57 4.72
N ARG B 18 5.19 -12.15 5.13
CA ARG B 18 5.18 -13.02 6.32
C ARG B 18 5.95 -12.44 7.51
N PHE B 19 6.69 -11.36 7.26
CA PHE B 19 7.41 -10.63 8.32
C PHE B 19 7.55 -9.19 7.82
N PRO B 20 7.50 -8.21 8.73
CA PRO B 20 7.52 -6.80 8.30
C PRO B 20 8.88 -6.27 7.91
N ILE B 21 9.43 -6.84 6.85
CA ILE B 21 10.71 -6.45 6.29
C ILE B 21 10.60 -6.47 4.78
N PRO B 22 11.45 -5.72 4.09
CA PRO B 22 11.38 -5.68 2.63
C PRO B 22 11.84 -6.96 1.93
N LEU B 23 11.31 -7.17 0.72
CA LEU B 23 11.82 -8.25 -0.13
C LEU B 23 13.23 -7.95 -0.59
N GLU B 24 14.02 -9.00 -0.80
CA GLU B 24 15.40 -8.88 -1.24
C GLU B 24 15.68 -9.56 -2.58
N LYS B 25 15.06 -10.71 -2.85
CA LYS B 25 15.42 -11.47 -4.04
C LYS B 25 14.42 -12.56 -4.41
N LEU B 26 14.67 -13.21 -5.54
CA LEU B 26 13.78 -14.25 -6.00
C LEU B 26 14.50 -15.58 -5.95
N PHE B 27 13.81 -16.59 -5.41
CA PHE B 27 14.41 -17.90 -5.26
C PHE B 27 13.51 -19.01 -5.77
N THR B 28 14.05 -19.97 -6.50
CA THR B 28 13.25 -21.15 -6.81
C THR B 28 13.98 -22.40 -6.40
N GLY B 29 13.22 -23.36 -5.91
CA GLY B 29 13.77 -24.66 -5.54
C GLY B 29 12.65 -25.66 -5.44
N PRO B 30 12.99 -26.93 -5.42
CA PRO B 30 12.00 -28.00 -5.22
C PRO B 30 11.40 -27.96 -3.81
N SER B 31 10.10 -28.21 -3.70
CA SER B 31 9.40 -28.11 -2.41
C SER B 31 8.68 -29.42 -2.01
N SER B 32 9.04 -30.54 -2.64
CA SER B 32 8.40 -31.84 -2.36
C SER B 32 8.77 -32.45 -0.99
N ALA B 33 9.90 -32.02 -0.43
CA ALA B 33 10.38 -32.50 0.87
C ALA B 33 9.54 -31.98 2.04
N PHE B 34 8.86 -30.86 1.85
CA PHE B 34 8.08 -30.25 2.91
C PHE B 34 6.71 -29.77 2.43
N VAL B 35 5.88 -29.39 3.38
CA VAL B 35 4.57 -28.85 3.13
C VAL B 35 4.65 -27.34 3.13
N VAL B 36 4.34 -26.74 1.99
CA VAL B 36 4.31 -25.28 1.82
C VAL B 36 2.90 -24.73 2.03
N GLN B 37 2.62 -24.27 3.24
CA GLN B 37 1.29 -23.79 3.56
C GLN B 37 1.33 -22.56 4.47
N PRO B 38 2.01 -21.47 4.01
CA PRO B 38 2.02 -20.26 4.82
C PRO B 38 0.62 -19.71 4.89
N GLN B 39 0.31 -19.01 5.98
CA GLN B 39 -1.03 -18.48 6.19
C GLN B 39 -1.09 -16.98 6.00
N ASN B 40 0.08 -16.34 6.07
CA ASN B 40 0.19 -14.92 5.70
C ASN B 40 0.65 -14.79 4.25
N GLY B 41 0.29 -13.68 3.61
CA GLY B 41 0.53 -13.45 2.18
C GLY B 41 -0.25 -14.41 1.29
N ARG B 42 -1.48 -14.69 1.67
CA ARG B 42 -2.36 -15.58 0.91
C ARG B 42 -3.57 -14.78 0.45
N CYS B 43 -3.66 -14.65 -0.85
CA CYS B 43 -4.74 -13.87 -1.45
C CYS B 43 -4.94 -14.39 -2.87
N THR B 44 -6.17 -14.44 -3.34
CA THR B 44 -6.45 -14.82 -4.72
C THR B 44 -6.24 -13.63 -5.66
N THR B 45 -6.05 -13.91 -6.94
CA THR B 45 -5.84 -12.81 -7.90
C THR B 45 -7.10 -11.95 -8.03
N ASP B 46 -8.28 -12.49 -7.73
CA ASP B 46 -9.47 -11.65 -7.74
C ASP B 46 -9.77 -11.07 -6.34
N GLY B 47 -8.76 -11.05 -5.48
CA GLY B 47 -8.79 -10.28 -4.26
C GLY B 47 -9.49 -10.85 -3.02
N VAL B 48 -9.55 -12.17 -2.90
CA VAL B 48 -10.06 -12.78 -1.67
C VAL B 48 -8.89 -13.15 -0.73
N LEU B 49 -8.86 -12.52 0.44
CA LEU B 49 -7.84 -12.80 1.46
C LEU B 49 -8.06 -14.18 2.08
N LEU B 50 -6.97 -14.94 2.22
CA LEU B 50 -7.00 -16.30 2.72
C LEU B 50 -6.13 -16.41 3.99
N GLY B 51 -6.27 -17.52 4.72
CA GLY B 51 -5.46 -17.78 5.92
C GLY B 51 -5.59 -16.72 6.99
N THR B 52 -4.45 -16.20 7.46
CA THR B 52 -4.44 -15.16 8.46
C THR B 52 -4.06 -13.83 7.81
N THR B 53 -4.17 -13.79 6.48
CA THR B 53 -3.66 -12.64 5.74
C THR B 53 -4.54 -11.41 5.93
N GLN B 54 -3.89 -10.30 6.27
CA GLN B 54 -4.54 -9.02 6.38
C GLN B 54 -3.72 -7.97 5.59
N LEU B 55 -4.21 -6.74 5.51
CA LEU B 55 -3.65 -5.74 4.59
C LEU B 55 -2.36 -5.06 5.00
N SER B 56 -2.24 -4.80 6.31
CA SER B 56 -1.15 -4.00 6.86
C SER B 56 0.18 -4.76 6.94
N PRO B 57 1.21 -4.26 6.26
CA PRO B 57 2.56 -4.85 6.32
C PRO B 57 3.10 -4.75 7.75
N VAL B 58 2.75 -3.67 8.45
CA VAL B 58 3.28 -3.42 9.79
C VAL B 58 2.59 -4.25 10.87
N ASN B 59 1.42 -4.82 10.59
CA ASN B 59 0.78 -5.66 11.60
C ASN B 59 1.25 -7.11 11.55
N ILE B 60 2.06 -7.48 10.57
CA ILE B 60 2.49 -8.85 10.46
C ILE B 60 3.42 -9.21 11.63
N CYS B 61 3.06 -10.27 12.33
CA CYS B 61 3.70 -10.74 13.57
C CYS B 61 3.64 -9.76 14.73
N THR B 62 2.58 -8.93 14.79
CA THR B 62 2.38 -8.10 15.99
C THR B 62 1.26 -8.69 16.86
N PHE B 63 1.30 -8.43 18.16
CA PHE B 63 0.21 -8.81 19.06
C PHE B 63 -0.19 -7.62 19.94
N ARG B 64 -1.47 -7.52 20.23
CA ARG B 64 -1.97 -6.48 21.12
C ARG B 64 -2.91 -7.09 22.16
N GLY B 65 -2.98 -6.48 23.34
CA GLY B 65 -3.89 -6.93 24.36
C GLY B 65 -3.44 -6.49 25.73
N ASP B 66 -3.86 -7.22 26.76
CA ASP B 66 -3.44 -6.91 28.11
C ASP B 66 -2.65 -8.10 28.63
N VAL B 67 -1.78 -7.84 29.60
CA VAL B 67 -0.90 -8.86 30.10
C VAL B 67 -1.17 -9.18 31.57
N THR B 68 -0.91 -10.44 31.90
CA THR B 68 -1.01 -10.99 33.24
C THR B 68 0.33 -11.57 33.59
N HIS B 69 0.89 -11.14 34.71
CA HIS B 69 2.18 -11.65 35.12
C HIS B 69 2.15 -13.10 35.64
N ILE B 70 3.11 -13.91 35.20
CA ILE B 70 3.26 -15.26 35.69
C ILE B 70 4.21 -15.15 36.91
N THR B 71 3.64 -15.43 38.07
CA THR B 71 4.19 -15.08 39.37
C THR B 71 5.65 -15.48 39.55
N GLY B 72 6.44 -14.52 40.07
CA GLY B 72 7.86 -14.65 40.29
C GLY B 72 8.73 -14.63 39.03
N SER B 73 8.15 -14.59 37.83
CA SER B 73 8.95 -14.87 36.65
C SER B 73 9.02 -13.67 35.74
N ARG B 74 9.83 -13.78 34.69
CA ARG B 74 9.90 -12.74 33.69
C ARG B 74 8.96 -13.01 32.52
N ASN B 75 7.93 -13.82 32.76
CA ASN B 75 6.99 -14.26 31.72
C ASN B 75 5.61 -13.64 31.91
N TYR B 76 4.96 -13.28 30.80
CA TYR B 76 3.65 -12.67 30.89
C TYR B 76 2.70 -13.35 29.93
N THR B 77 1.43 -13.43 30.31
CA THR B 77 0.48 -13.98 29.40
C THR B 77 -0.32 -12.83 28.80
N MET B 78 -0.36 -12.75 27.46
CA MET B 78 -1.16 -11.71 26.84
C MET B 78 -2.53 -12.23 26.44
N ASN B 79 -3.54 -11.55 26.96
CA ASN B 79 -4.91 -11.76 26.56
C ASN B 79 -5.21 -10.89 25.32
N LEU B 80 -5.27 -11.54 24.16
CA LEU B 80 -5.30 -10.84 22.90
C LEU B 80 -6.53 -9.98 22.72
N ALA B 81 -6.33 -8.88 22.00
CA ALA B 81 -7.41 -8.05 21.50
C ALA B 81 -7.21 -8.04 20.00
N SER B 82 -8.16 -7.51 19.24
CA SER B 82 -8.02 -7.41 17.80
C SER B 82 -7.03 -6.27 17.44
N GLN B 83 -6.68 -6.15 16.16
N GLN B 83 -6.65 -6.15 16.17
CA GLN B 83 -5.65 -5.20 15.73
CA GLN B 83 -5.61 -5.20 15.75
C GLN B 83 -6.00 -3.75 16.07
C GLN B 83 -6.00 -3.72 15.95
N ASN B 84 -7.29 -3.46 16.19
CA ASN B 84 -7.77 -2.11 16.52
C ASN B 84 -8.14 -1.94 18.01
N TRP B 85 -7.71 -2.90 18.83
CA TRP B 85 -7.90 -2.91 20.28
C TRP B 85 -9.32 -3.27 20.70
N ASN B 86 -10.17 -3.67 19.76
CA ASN B 86 -11.51 -4.15 20.10
C ASN B 86 -11.45 -5.61 20.58
N ASP B 87 -12.56 -6.12 21.10
CA ASP B 87 -12.55 -7.49 21.60
C ASP B 87 -12.25 -8.46 20.47
N TYR B 88 -11.46 -9.49 20.78
CA TYR B 88 -11.13 -10.52 19.81
C TYR B 88 -12.16 -11.64 19.83
N ASP B 89 -12.60 -12.05 18.64
CA ASP B 89 -13.62 -13.06 18.49
C ASP B 89 -13.01 -14.38 18.00
N PRO B 90 -12.93 -15.37 18.90
CA PRO B 90 -12.35 -16.68 18.60
C PRO B 90 -13.23 -17.52 17.69
N THR B 91 -14.50 -17.15 17.55
CA THR B 91 -15.46 -17.91 16.73
C THR B 91 -15.34 -17.58 15.24
N GLU B 92 -14.54 -16.59 14.90
CA GLU B 92 -14.41 -16.22 13.51
C GLU B 92 -13.77 -17.33 12.68
N GLU B 93 -14.19 -17.47 11.43
CA GLU B 93 -13.69 -18.54 10.59
C GLU B 93 -12.32 -18.21 10.03
N ILE B 94 -11.37 -18.07 10.94
CA ILE B 94 -9.99 -17.84 10.57
C ILE B 94 -9.14 -18.79 11.41
N PRO B 95 -7.96 -19.12 10.91
CA PRO B 95 -7.06 -20.00 11.69
C PRO B 95 -6.64 -19.39 13.04
N ALA B 96 -6.43 -18.08 13.01
CA ALA B 96 -5.89 -17.35 14.14
C ALA B 96 -6.16 -15.87 13.88
N PRO B 97 -5.87 -14.99 14.85
CA PRO B 97 -5.97 -13.55 14.54
C PRO B 97 -5.14 -13.18 13.31
N LEU B 98 -5.68 -12.30 12.47
CA LEU B 98 -5.01 -11.94 11.23
C LEU B 98 -3.64 -11.33 11.56
N GLY B 99 -2.59 -11.76 10.87
CA GLY B 99 -1.24 -11.27 11.11
C GLY B 99 -0.40 -12.14 12.04
N THR B 100 -1.03 -13.15 12.63
CA THR B 100 -0.32 -14.11 13.53
C THR B 100 0.81 -14.76 12.76
N PRO B 101 1.99 -14.94 13.40
CA PRO B 101 3.11 -15.62 12.75
C PRO B 101 2.66 -16.98 12.22
N ASP B 102 3.15 -17.35 11.05
CA ASP B 102 2.75 -18.63 10.46
C ASP B 102 3.91 -19.61 10.39
N PHE B 103 4.87 -19.48 11.31
CA PHE B 103 5.99 -20.40 11.36
C PHE B 103 6.41 -20.69 12.79
N VAL B 104 7.00 -21.86 13.00
CA VAL B 104 7.43 -22.22 14.36
C VAL B 104 8.82 -21.71 14.55
N GLY B 105 8.98 -20.84 15.53
CA GLY B 105 10.28 -20.31 15.84
C GLY B 105 10.23 -19.40 17.06
N LYS B 106 11.38 -18.82 17.39
CA LYS B 106 11.44 -17.86 18.46
C LYS B 106 11.60 -16.46 17.90
N ILE B 107 10.57 -15.64 18.11
CA ILE B 107 10.55 -14.28 17.59
C ILE B 107 10.81 -13.26 18.69
N GLN B 108 11.90 -12.53 18.54
CA GLN B 108 12.23 -11.53 19.54
C GLN B 108 11.74 -10.14 19.10
N GLY B 109 11.30 -9.36 20.08
CA GLY B 109 10.76 -8.06 19.84
C GLY B 109 10.73 -7.24 21.13
N VAL B 110 9.80 -6.31 21.17
CA VAL B 110 9.65 -5.43 22.30
C VAL B 110 8.19 -5.36 22.72
N LEU B 111 7.92 -5.55 24.00
CA LEU B 111 6.58 -5.27 24.50
C LEU B 111 6.54 -3.83 25.01
N THR B 112 5.59 -3.05 24.53
CA THR B 112 5.39 -1.68 24.97
C THR B 112 4.02 -1.53 25.61
N GLN B 113 3.90 -0.61 26.56
CA GLN B 113 2.65 -0.47 27.27
C GLN B 113 2.43 0.99 27.64
N THR B 114 1.20 1.43 27.64
CA THR B 114 0.86 2.78 28.05
C THR B 114 -0.18 2.68 29.13
N THR B 115 0.01 3.42 30.20
CA THR B 115 -0.97 3.49 31.27
C THR B 115 -2.01 4.54 30.96
N ARG B 116 -3.26 4.10 30.90
CA ARG B 116 -4.37 4.92 30.42
C ARG B 116 -4.52 6.21 31.22
N THR B 117 -4.41 6.11 32.55
CA THR B 117 -4.67 7.25 33.41
C THR B 117 -3.65 8.41 33.30
N ASP B 118 -2.36 8.13 33.31
CA ASP B 118 -1.39 9.24 33.32
C ASP B 118 -0.46 9.28 32.09
N GLY B 119 -0.61 8.34 31.17
CA GLY B 119 0.22 8.33 29.96
C GLY B 119 1.68 7.95 30.17
N SER B 120 1.96 7.28 31.28
CA SER B 120 3.28 6.73 31.54
C SER B 120 3.48 5.49 30.67
N THR B 121 4.70 5.28 30.20
CA THR B 121 4.98 4.20 29.26
C THR B 121 6.20 3.37 29.66
N ARG B 122 6.27 2.16 29.15
CA ARG B 122 7.38 1.29 29.43
C ARG B 122 7.59 0.31 28.29
N GLY B 123 8.84 -0.07 28.05
CA GLY B 123 9.13 -1.02 27.00
C GLY B 123 10.14 -2.03 27.46
N HIS B 124 9.96 -3.28 27.04
CA HIS B 124 10.89 -4.33 27.42
C HIS B 124 11.11 -5.35 26.34
N LYS B 125 12.31 -5.89 26.30
CA LYS B 125 12.67 -7.00 25.40
C LYS B 125 11.75 -8.21 25.62
N ALA B 126 11.22 -8.80 24.53
CA ALA B 126 10.29 -9.92 24.65
C ALA B 126 10.44 -10.99 23.56
N THR B 127 10.29 -12.25 23.95
CA THR B 127 10.42 -13.33 22.97
C THR B 127 9.20 -14.26 23.07
N VAL B 128 8.59 -14.54 21.93
CA VAL B 128 7.48 -15.48 21.88
C VAL B 128 7.95 -16.71 21.13
N TYR B 129 7.74 -17.87 21.72
CA TYR B 129 8.06 -19.11 21.04
C TYR B 129 6.77 -19.69 20.48
N THR B 130 6.64 -19.64 19.16
CA THR B 130 5.38 -19.98 18.48
C THR B 130 5.16 -21.50 18.41
N GLY B 131 6.19 -22.27 18.77
CA GLY B 131 6.13 -23.72 18.87
C GLY B 131 5.76 -24.16 20.27
N SER B 132 5.57 -23.20 21.17
CA SER B 132 5.22 -23.48 22.57
C SER B 132 3.80 -24.06 22.77
N ALA B 133 3.66 -24.86 23.82
CA ALA B 133 2.38 -25.47 24.20
C ALA B 133 1.39 -24.37 24.55
N ASP B 134 1.92 -23.26 25.06
CA ASP B 134 1.09 -22.15 25.49
C ASP B 134 0.88 -21.10 24.38
N PHE B 135 1.39 -21.35 23.18
CA PHE B 135 1.12 -20.44 22.04
C PHE B 135 -0.26 -20.80 21.51
N ALA B 136 -1.27 -20.06 21.93
CA ALA B 136 -2.67 -20.36 21.55
C ALA B 136 -3.44 -19.09 21.11
N PRO B 137 -2.92 -18.37 20.12
CA PRO B 137 -3.56 -17.13 19.69
C PRO B 137 -5.00 -17.34 19.14
N LYS B 138 -5.29 -18.49 18.53
CA LYS B 138 -6.68 -18.75 18.10
C LYS B 138 -7.59 -18.69 19.33
N LEU B 139 -7.10 -19.17 20.46
CA LEU B 139 -7.88 -19.06 21.70
C LEU B 139 -7.70 -17.69 22.39
N GLY B 140 -6.81 -16.83 21.88
CA GLY B 140 -6.64 -15.51 22.45
C GLY B 140 -5.56 -15.38 23.54
N ARG B 141 -4.64 -16.34 23.58
CA ARG B 141 -3.56 -16.39 24.57
C ARG B 141 -2.22 -16.67 23.94
N VAL B 142 -1.22 -15.84 24.26
CA VAL B 142 0.15 -16.16 23.91
C VAL B 142 1.02 -15.81 25.12
N GLN B 143 2.18 -16.43 25.21
CA GLN B 143 3.06 -16.21 26.36
C GLN B 143 4.33 -15.52 25.86
N PHE B 144 4.79 -14.50 26.59
CA PHE B 144 6.03 -13.84 26.25
C PHE B 144 7.13 -14.03 27.32
N GLU B 145 8.35 -14.22 26.88
CA GLU B 145 9.49 -14.23 27.79
C GLU B 145 10.15 -12.81 27.75
N THR B 146 10.22 -12.14 28.89
CA THR B 146 10.72 -10.76 28.95
C THR B 146 11.95 -10.64 29.88
N ASP B 147 12.43 -9.41 30.04
CA ASP B 147 13.56 -9.13 30.94
C ASP B 147 13.11 -8.39 32.21
N THR B 148 11.81 -8.42 32.50
CA THR B 148 11.30 -7.83 33.75
C THR B 148 10.37 -8.79 34.47
N ASP B 149 10.34 -8.73 35.81
CA ASP B 149 9.38 -9.53 36.57
C ASP B 149 8.37 -8.66 37.33
N ARG B 150 8.35 -7.37 37.02
CA ARG B 150 7.52 -6.46 37.75
C ARG B 150 6.98 -5.25 37.00
N ASP B 151 7.61 -4.84 35.92
CA ASP B 151 7.31 -3.54 35.39
C ASP B 151 5.91 -3.44 34.69
N PHE B 152 5.48 -4.46 33.96
CA PHE B 152 4.19 -4.34 33.29
C PHE B 152 2.99 -4.32 34.24
N GLU B 153 1.98 -3.57 33.87
CA GLU B 153 0.78 -3.40 34.68
C GLU B 153 -0.37 -4.18 34.10
N ALA B 154 -1.36 -4.49 34.92
CA ALA B 154 -2.53 -5.22 34.45
C ALA B 154 -3.57 -4.26 33.86
N ASN B 155 -4.35 -4.78 32.92
CA ASN B 155 -5.46 -4.04 32.32
C ASN B 155 -5.03 -2.73 31.68
N GLN B 156 -3.87 -2.77 31.03
CA GLN B 156 -3.38 -1.66 30.22
C GLN B 156 -2.95 -2.15 28.83
N ASN B 157 -3.20 -1.33 27.82
CA ASN B 157 -2.89 -1.66 26.43
C ASN B 157 -1.43 -2.00 26.21
N THR B 158 -1.19 -3.19 25.70
CA THR B 158 0.17 -3.68 25.53
C THR B 158 0.39 -4.19 24.13
N LYS B 159 1.51 -3.85 23.54
CA LYS B 159 1.77 -4.28 22.17
C LYS B 159 3.09 -4.97 22.00
N PHE B 160 3.09 -6.01 21.19
CA PHE B 160 4.31 -6.65 20.76
C PHE B 160 4.72 -6.23 19.35
N THR B 161 5.94 -5.67 19.24
CA THR B 161 6.51 -5.33 17.95
C THR B 161 7.64 -6.29 17.68
N PRO B 162 7.55 -7.05 16.58
CA PRO B 162 8.56 -8.02 16.17
C PRO B 162 9.83 -7.36 15.64
N VAL B 163 10.98 -7.96 15.89
CA VAL B 163 12.22 -7.42 15.37
C VAL B 163 12.94 -8.44 14.50
N GLY B 164 13.15 -9.64 15.05
CA GLY B 164 13.91 -10.67 14.37
C GLY B 164 13.67 -12.04 14.98
N VAL B 165 14.55 -12.98 14.67
CA VAL B 165 14.44 -14.33 15.18
C VAL B 165 15.72 -14.72 15.94
N ILE B 166 15.61 -15.73 16.81
CA ILE B 166 16.80 -16.20 17.52
C ILE B 166 16.88 -17.71 17.46
N GLN B 167 18.09 -18.27 17.64
CA GLN B 167 18.18 -19.67 17.97
C GLN B 167 19.03 -19.79 19.24
N ASP B 168 18.42 -20.45 20.23
CA ASP B 168 19.02 -20.61 21.55
C ASP B 168 18.77 -22.02 22.00
N GLY B 169 19.10 -22.30 23.25
CA GLY B 169 18.87 -23.65 23.71
C GLY B 169 19.95 -24.44 23.03
N GLY B 170 19.69 -25.73 22.86
CA GLY B 170 20.67 -26.64 22.32
C GLY B 170 20.42 -26.92 20.86
N THR B 171 19.49 -26.18 20.27
CA THR B 171 19.22 -26.35 18.85
C THR B 171 20.52 -26.09 18.09
N THR B 172 20.75 -26.85 17.02
CA THR B 172 22.00 -26.71 16.26
C THR B 172 21.81 -25.70 15.13
N HIS B 173 22.93 -25.18 14.63
CA HIS B 173 22.98 -23.97 13.80
C HIS B 173 21.99 -24.01 12.66
N ARG B 174 21.22 -22.94 12.57
CA ARG B 174 20.27 -22.73 11.49
C ARG B 174 19.18 -23.80 11.40
N ASN B 175 18.93 -24.53 12.49
CA ASN B 175 17.79 -25.47 12.43
C ASN B 175 16.51 -24.94 13.08
N GLU B 176 16.54 -23.68 13.48
CA GLU B 176 15.33 -22.93 13.81
C GLU B 176 15.54 -21.47 13.36
N PRO B 177 14.48 -20.76 13.02
CA PRO B 177 13.08 -21.22 12.92
C PRO B 177 12.81 -22.17 11.75
N GLN B 178 11.61 -22.73 11.71
CA GLN B 178 11.22 -23.60 10.63
C GLN B 178 10.09 -22.90 9.89
N GLN B 179 10.47 -22.22 8.82
CA GLN B 179 9.53 -21.34 8.14
C GLN B 179 8.38 -22.09 7.48
N TRP B 180 8.55 -23.38 7.19
CA TRP B 180 7.47 -24.16 6.57
C TRP B 180 6.74 -25.01 7.59
N VAL B 181 6.99 -24.80 8.88
CA VAL B 181 6.22 -25.53 9.89
C VAL B 181 5.23 -24.59 10.56
N LEU B 182 3.94 -24.88 10.38
CA LEU B 182 2.89 -24.08 10.97
C LEU B 182 2.80 -24.28 12.45
N PRO B 183 2.54 -23.19 13.19
CA PRO B 183 2.27 -23.32 14.61
C PRO B 183 0.98 -24.08 14.82
N SER B 184 0.77 -24.60 16.02
CA SER B 184 -0.55 -25.11 16.35
C SER B 184 -1.33 -23.98 17.03
N TYR B 185 -2.17 -23.29 16.28
CA TYR B 185 -2.73 -22.02 16.71
C TYR B 185 -3.60 -22.02 17.95
N SER B 186 -4.22 -23.15 18.27
CA SER B 186 -5.04 -23.27 19.46
C SER B 186 -4.31 -23.88 20.64
N GLY B 187 -3.01 -24.12 20.45
CA GLY B 187 -2.20 -24.71 21.49
C GLY B 187 -1.89 -26.16 21.20
N ARG B 188 -1.23 -26.79 22.15
CA ARG B 188 -0.77 -28.16 21.95
C ARG B 188 -1.87 -29.20 21.68
N ASN B 189 -1.58 -30.04 20.70
CA ASN B 189 -2.41 -31.17 20.27
C ASN B 189 -3.82 -30.76 19.83
N THR B 190 -3.96 -29.57 19.26
CA THR B 190 -5.21 -29.22 18.60
C THR B 190 -4.95 -29.08 17.12
N HIS B 191 -5.90 -29.45 16.27
CA HIS B 191 -5.72 -29.23 14.83
C HIS B 191 -6.09 -27.82 14.40
N ASN B 192 -5.33 -27.29 13.47
CA ASN B 192 -5.63 -26.00 12.90
C ASN B 192 -6.91 -26.07 12.03
N VAL B 193 -7.65 -24.96 11.97
CA VAL B 193 -8.89 -24.90 11.16
C VAL B 193 -8.81 -23.71 10.16
N HIS B 194 -9.66 -23.77 9.11
CA HIS B 194 -9.88 -22.67 8.15
C HIS B 194 -8.61 -22.22 7.45
N LEU B 195 -7.71 -23.16 7.20
CA LEU B 195 -6.39 -22.87 6.61
C LEU B 195 -6.46 -22.59 5.11
N ALA B 196 -5.60 -21.68 4.66
CA ALA B 196 -5.33 -21.53 3.26
C ALA B 196 -4.62 -22.81 2.84
N PRO B 197 -4.87 -23.29 1.62
CA PRO B 197 -4.32 -24.59 1.24
C PRO B 197 -2.82 -24.62 1.01
N ALA B 198 -2.23 -25.80 1.10
CA ALA B 198 -0.85 -26.00 0.73
C ALA B 198 -0.68 -25.79 -0.76
N VAL B 199 0.51 -25.42 -1.19
CA VAL B 199 0.73 -25.20 -2.61
C VAL B 199 1.87 -26.07 -3.10
N ALA B 200 1.76 -26.52 -4.34
CA ALA B 200 2.79 -27.30 -4.98
C ALA B 200 2.71 -27.12 -6.49
N PRO B 201 3.86 -27.23 -7.16
CA PRO B 201 3.85 -27.30 -8.62
C PRO B 201 3.25 -28.64 -9.06
N THR B 202 2.37 -28.64 -10.05
CA THR B 202 1.76 -29.87 -10.54
C THR B 202 2.34 -30.29 -11.87
N PHE B 203 2.61 -29.31 -12.72
CA PHE B 203 3.21 -29.56 -14.02
C PHE B 203 4.65 -30.05 -13.87
N PRO B 204 5.05 -31.04 -14.68
CA PRO B 204 6.43 -31.54 -14.59
C PRO B 204 7.46 -30.47 -14.99
N GLY B 205 8.58 -30.43 -14.29
CA GLY B 205 9.63 -29.47 -14.59
C GLY B 205 9.40 -28.09 -14.01
N GLU B 206 8.32 -27.96 -13.25
CA GLU B 206 7.97 -26.68 -12.63
C GLU B 206 8.30 -26.66 -11.13
N GLN B 207 8.66 -25.48 -10.64
CA GLN B 207 8.91 -25.28 -9.22
C GLN B 207 8.21 -24.01 -8.76
N LEU B 208 7.88 -23.92 -7.48
CA LEU B 208 7.38 -22.66 -6.97
C LEU B 208 8.46 -21.57 -7.08
N LEU B 209 8.00 -20.34 -7.32
CA LEU B 209 8.87 -19.16 -7.26
C LEU B 209 8.62 -18.43 -5.93
N PHE B 210 9.69 -18.24 -5.14
CA PHE B 210 9.56 -17.66 -3.83
C PHE B 210 10.03 -16.21 -3.79
N PHE B 211 9.31 -15.38 -3.04
CA PHE B 211 9.74 -13.99 -2.76
C PHE B 211 10.47 -13.95 -1.41
N ARG B 212 11.75 -13.70 -1.47
CA ARG B 212 12.64 -13.97 -0.36
C ARG B 212 13.19 -12.73 0.35
N SER B 213 13.22 -12.83 1.68
CA SER B 213 13.85 -11.89 2.59
C SER B 213 14.76 -12.62 3.59
N THR B 214 15.62 -11.82 4.22
CA THR B 214 16.46 -12.25 5.31
C THR B 214 15.96 -11.58 6.57
N MET B 215 15.33 -12.35 7.45
CA MET B 215 14.91 -11.81 8.74
C MET B 215 16.12 -11.41 9.60
N PRO B 216 15.99 -10.33 10.37
CA PRO B 216 17.07 -9.99 11.31
C PRO B 216 17.28 -11.09 12.35
N GLY B 217 18.54 -11.30 12.72
CA GLY B 217 18.87 -12.23 13.81
C GLY B 217 19.24 -11.47 15.06
N CYS B 218 18.62 -11.84 16.17
CA CYS B 218 18.88 -11.17 17.45
C CYS B 218 19.77 -11.98 18.40
N SER B 219 19.90 -13.27 18.13
CA SER B 219 20.73 -14.13 18.97
C SER B 219 21.03 -15.45 18.31
N GLY B 220 22.26 -15.94 18.52
CA GLY B 220 22.63 -17.27 18.06
C GLY B 220 22.88 -17.35 16.56
N TYR B 221 22.57 -18.52 15.97
CA TYR B 221 22.80 -18.78 14.55
C TYR B 221 21.52 -19.21 13.83
N PRO B 222 20.53 -18.31 13.76
CA PRO B 222 19.24 -18.77 13.20
C PRO B 222 19.21 -18.91 11.69
N ASN B 223 18.25 -19.72 11.23
CA ASN B 223 17.93 -19.79 9.79
C ASN B 223 17.10 -18.59 9.52
N MET B 224 17.68 -17.62 8.85
CA MET B 224 16.98 -16.36 8.64
C MET B 224 16.32 -16.24 7.27
N ASP B 225 16.33 -17.31 6.47
CA ASP B 225 15.61 -17.27 5.18
C ASP B 225 14.11 -17.15 5.40
N LEU B 226 13.48 -16.17 4.77
CA LEU B 226 12.01 -16.14 4.80
C LEU B 226 11.41 -15.97 3.40
N ASP B 227 10.63 -16.98 3.03
CA ASP B 227 10.02 -17.01 1.69
C ASP B 227 8.53 -16.80 1.75
N CYS B 228 8.01 -15.92 0.91
CA CYS B 228 6.54 -15.75 0.80
C CYS B 228 6.05 -16.03 -0.61
N LEU B 229 4.81 -16.44 -0.74
CA LEU B 229 4.23 -16.78 -2.05
C LEU B 229 3.87 -15.55 -2.89
N LEU B 230 3.44 -14.49 -2.20
CA LEU B 230 3.09 -13.23 -2.82
C LEU B 230 3.67 -12.09 -2.00
N PRO B 231 4.28 -11.09 -2.66
CA PRO B 231 4.68 -9.87 -1.93
C PRO B 231 3.47 -9.22 -1.29
N GLN B 232 3.66 -8.54 -0.18
CA GLN B 232 2.52 -7.94 0.50
C GLN B 232 1.78 -6.90 -0.42
N GLU B 233 2.52 -6.19 -1.27
CA GLU B 233 1.94 -5.19 -2.17
C GLU B 233 1.01 -5.83 -3.18
N TRP B 234 1.29 -7.06 -3.60
CA TRP B 234 0.39 -7.80 -4.49
C TRP B 234 -0.92 -8.15 -3.77
N VAL B 235 -0.82 -8.55 -2.50
CA VAL B 235 -2.00 -8.82 -1.70
C VAL B 235 -2.90 -7.59 -1.59
N GLN B 236 -2.28 -6.46 -1.27
CA GLN B 236 -3.02 -5.22 -1.15
C GLN B 236 -3.65 -4.81 -2.49
N TYR B 237 -2.87 -4.96 -3.55
CA TYR B 237 -3.27 -4.58 -4.91
C TYR B 237 -4.43 -5.47 -5.45
N PHE B 238 -4.27 -6.80 -5.36
CA PHE B 238 -5.33 -7.70 -5.81
C PHE B 238 -6.59 -7.46 -4.99
N TYR B 239 -6.41 -7.23 -3.69
CA TYR B 239 -7.56 -6.98 -2.80
C TYR B 239 -8.29 -5.70 -3.25
N GLN B 240 -7.52 -4.67 -3.60
CA GLN B 240 -8.06 -3.39 -4.03
C GLN B 240 -8.73 -3.43 -5.42
N GLU B 241 -8.01 -3.98 -6.41
CA GLU B 241 -8.48 -4.10 -7.79
C GLU B 241 -9.69 -5.05 -7.89
N ALA B 242 -9.55 -6.24 -7.28
CA ALA B 242 -10.60 -7.27 -7.27
C ALA B 242 -11.07 -7.53 -8.71
N ALA B 243 -10.10 -7.61 -9.61
CA ALA B 243 -10.34 -7.87 -11.01
C ALA B 243 -10.65 -9.37 -11.21
N PRO B 244 -11.72 -9.65 -11.96
CA PRO B 244 -12.14 -11.03 -12.18
C PRO B 244 -11.10 -11.84 -12.94
N ALA B 245 -10.93 -13.10 -12.56
CA ALA B 245 -10.00 -13.99 -13.26
C ALA B 245 -10.72 -14.57 -14.48
N GLN B 246 -10.07 -14.57 -15.64
CA GLN B 246 -10.62 -15.09 -16.87
C GLN B 246 -10.24 -16.55 -17.14
N SER B 247 -9.34 -17.07 -16.32
CA SER B 247 -8.93 -18.47 -16.38
C SER B 247 -8.21 -18.75 -15.05
N ASP B 248 -7.67 -19.96 -14.89
CA ASP B 248 -6.94 -20.39 -13.70
C ASP B 248 -5.58 -19.78 -13.51
N VAL B 249 -4.95 -19.40 -14.62
CA VAL B 249 -3.55 -19.03 -14.60
C VAL B 249 -3.29 -17.70 -15.30
N ALA B 250 -2.68 -16.77 -14.60
CA ALA B 250 -2.26 -15.50 -15.21
C ALA B 250 -0.79 -15.58 -15.61
N LEU B 251 -0.50 -15.27 -16.86
CA LEU B 251 0.86 -15.33 -17.39
C LEU B 251 1.57 -14.01 -17.12
N LEU B 252 2.69 -14.10 -16.38
CA LEU B 252 3.50 -12.94 -16.05
C LEU B 252 4.83 -13.01 -16.76
N ARG B 253 5.32 -11.85 -17.18
CA ARG B 253 6.65 -11.78 -17.76
C ARG B 253 7.49 -10.83 -16.91
N PHE B 254 8.70 -11.26 -16.58
CA PHE B 254 9.57 -10.39 -15.85
C PHE B 254 10.40 -9.54 -16.82
N VAL B 255 10.18 -8.24 -16.77
CA VAL B 255 10.71 -7.38 -17.81
C VAL B 255 11.77 -6.42 -17.30
N ASN B 256 12.84 -6.28 -18.07
CA ASN B 256 13.83 -5.24 -17.83
C ASN B 256 13.43 -4.01 -18.62
N PRO B 257 12.99 -2.95 -17.92
CA PRO B 257 12.51 -1.74 -18.58
C PRO B 257 13.62 -1.01 -19.33
N ASP B 258 14.87 -1.16 -18.91
CA ASP B 258 15.95 -0.45 -19.62
C ASP B 258 16.07 -0.96 -21.05
N THR B 259 15.90 -2.27 -21.22
CA THR B 259 16.07 -2.89 -22.54
C THR B 259 14.76 -3.30 -23.23
N GLY B 260 13.70 -3.39 -22.45
CA GLY B 260 12.43 -3.88 -22.96
C GLY B 260 12.42 -5.38 -23.06
N ARG B 261 13.53 -6.02 -22.69
CA ARG B 261 13.65 -7.48 -22.81
C ARG B 261 12.97 -8.24 -21.69
N VAL B 262 12.55 -9.46 -22.01
CA VAL B 262 11.89 -10.34 -21.06
C VAL B 262 12.96 -11.27 -20.47
N LEU B 263 13.12 -11.21 -19.16
CA LEU B 263 14.10 -12.07 -18.51
C LEU B 263 13.57 -13.50 -18.50
N PHE B 264 12.34 -13.65 -18.02
CA PHE B 264 11.69 -14.93 -17.95
C PHE B 264 10.19 -14.77 -17.83
N GLU B 265 9.49 -15.89 -17.95
CA GLU B 265 8.05 -15.86 -17.77
C GLU B 265 7.63 -16.83 -16.68
N CYS B 266 6.48 -16.57 -16.07
CA CYS B 266 6.02 -17.41 -14.99
C CYS B 266 4.49 -17.41 -14.90
N LYS B 267 3.96 -18.36 -14.14
CA LYS B 267 2.54 -18.51 -13.93
C LYS B 267 2.14 -18.06 -12.54
N LEU B 268 1.23 -17.10 -12.50
CA LEU B 268 0.56 -16.67 -11.29
C LEU B 268 -0.79 -17.39 -11.24
N HIS B 269 -0.92 -18.34 -10.34
CA HIS B 269 -2.16 -19.10 -10.23
C HIS B 269 -3.24 -18.26 -9.54
N LYS B 270 -4.50 -18.48 -9.91
CA LYS B 270 -5.65 -17.71 -9.43
C LYS B 270 -5.71 -17.71 -7.90
N SER B 271 -5.32 -18.82 -7.29
CA SER B 271 -5.37 -18.94 -5.82
C SER B 271 -4.18 -18.30 -5.11
N GLY B 272 -3.26 -17.70 -5.86
CA GLY B 272 -2.25 -16.83 -5.26
C GLY B 272 -0.89 -17.41 -4.97
N TYR B 273 -0.23 -17.91 -6.01
CA TYR B 273 1.15 -18.34 -5.90
C TYR B 273 1.71 -18.45 -7.30
N VAL B 274 3.04 -18.51 -7.41
CA VAL B 274 3.72 -18.42 -8.69
C VAL B 274 4.59 -19.65 -8.99
N THR B 275 4.59 -20.14 -10.23
CA THR B 275 5.52 -21.19 -10.64
C THR B 275 6.35 -20.81 -11.87
N VAL B 276 7.53 -21.42 -11.93
CA VAL B 276 8.46 -21.20 -13.04
C VAL B 276 8.94 -22.55 -13.55
N ALA B 277 9.54 -22.53 -14.74
CA ALA B 277 10.08 -23.72 -15.36
C ALA B 277 11.55 -23.82 -15.03
N HIS B 278 11.86 -24.50 -13.94
CA HIS B 278 13.24 -24.75 -13.53
C HIS B 278 13.37 -26.00 -12.65
N THR B 279 14.50 -26.67 -12.74
CA THR B 279 14.74 -27.82 -11.86
C THR B 279 16.02 -27.57 -11.06
N GLY B 280 15.88 -27.53 -9.73
CA GLY B 280 16.98 -27.26 -8.84
C GLY B 280 16.88 -25.99 -8.04
N GLN B 281 17.71 -25.86 -7.01
CA GLN B 281 17.75 -24.67 -6.17
C GLN B 281 18.46 -23.57 -6.92
N HIS B 282 17.85 -22.38 -6.98
CA HIS B 282 18.46 -21.29 -7.71
C HIS B 282 18.07 -19.91 -7.21
N ASP B 283 19.10 -19.10 -6.93
CA ASP B 283 18.93 -17.70 -6.59
C ASP B 283 18.88 -16.95 -7.90
N LEU B 284 17.74 -16.34 -8.23
CA LEU B 284 17.57 -15.66 -9.52
C LEU B 284 18.46 -14.42 -9.62
N VAL B 285 19.11 -14.25 -10.76
CA VAL B 285 19.92 -13.05 -11.02
C VAL B 285 19.07 -12.11 -11.89
N ILE B 286 18.63 -11.00 -11.28
CA ILE B 286 17.65 -10.12 -11.91
C ILE B 286 18.20 -8.68 -11.94
N PRO B 287 17.83 -7.92 -12.99
CA PRO B 287 18.25 -6.51 -13.10
C PRO B 287 17.56 -5.69 -12.04
N PRO B 288 18.22 -4.63 -11.55
CA PRO B 288 17.67 -3.83 -10.43
C PRO B 288 16.32 -3.17 -10.76
N ASN B 289 16.10 -2.85 -12.02
CA ASN B 289 14.89 -2.16 -12.40
C ASN B 289 13.80 -3.09 -12.87
N GLY B 290 14.07 -4.39 -12.81
CA GLY B 290 13.15 -5.40 -13.28
C GLY B 290 11.85 -5.44 -12.51
N TYR B 291 10.76 -5.77 -13.20
CA TYR B 291 9.44 -5.92 -12.55
C TYR B 291 8.58 -6.92 -13.31
N PHE B 292 7.52 -7.37 -12.65
CA PHE B 292 6.59 -8.33 -13.25
C PHE B 292 5.50 -7.63 -14.05
N ARG B 293 5.16 -8.19 -15.22
CA ARG B 293 4.06 -7.69 -16.07
C ARG B 293 3.04 -8.79 -16.49
N PHE B 294 1.76 -8.54 -16.23
CA PHE B 294 0.69 -9.45 -16.63
C PHE B 294 0.43 -9.32 -18.11
N ASP B 295 0.61 -10.41 -18.86
CA ASP B 295 0.46 -10.36 -20.31
C ASP B 295 -0.82 -11.01 -20.88
N SER B 296 -1.26 -12.15 -20.30
CA SER B 296 -2.58 -12.71 -20.67
C SER B 296 -3.02 -13.86 -19.71
N TRP B 297 -4.31 -14.16 -19.75
CA TRP B 297 -4.86 -15.32 -19.06
C TRP B 297 -4.65 -16.56 -19.91
N VAL B 298 -4.01 -17.57 -19.35
CA VAL B 298 -3.75 -18.77 -20.15
C VAL B 298 -4.31 -20.04 -19.49
N ASN B 299 -3.93 -21.19 -20.03
CA ASN B 299 -4.36 -22.43 -19.43
C ASN B 299 -3.27 -23.49 -19.51
N GLN B 300 -3.62 -24.74 -19.26
CA GLN B 300 -2.62 -25.81 -19.23
C GLN B 300 -1.98 -26.01 -20.59
N PHE B 301 -2.67 -25.62 -21.66
CA PHE B 301 -2.07 -25.76 -22.98
C PHE B 301 -0.83 -24.88 -23.14
N TYR B 302 -0.78 -23.76 -22.42
CA TYR B 302 0.41 -22.90 -22.47
C TYR B 302 1.55 -23.47 -21.60
N THR B 303 2.72 -23.64 -22.20
CA THR B 303 3.86 -24.21 -21.48
C THR B 303 4.93 -23.14 -21.26
N LEU B 304 5.33 -22.93 -20.02
CA LEU B 304 6.39 -21.95 -19.72
C LEU B 304 7.76 -22.26 -20.34
N ALA B 305 8.38 -21.24 -20.91
CA ALA B 305 9.76 -21.34 -21.36
C ALA B 305 10.69 -21.57 -20.16
N PRO B 306 11.71 -22.42 -20.34
CA PRO B 306 12.63 -22.69 -19.25
C PRO B 306 13.27 -21.42 -18.69
N MET B 307 13.27 -21.32 -17.37
CA MET B 307 13.92 -20.25 -16.66
C MET B 307 15.38 -20.66 -16.43
N ASP C 1 -13.23 -15.13 -35.43
CA ASP C 1 -12.95 -16.56 -35.42
C ASP C 1 -11.53 -16.84 -35.91
N VAL C 2 -10.98 -17.98 -35.50
CA VAL C 2 -9.67 -18.37 -35.97
C VAL C 2 -9.85 -19.67 -36.75
N GLN C 3 -9.24 -19.75 -37.91
CA GLN C 3 -9.37 -20.92 -38.75
C GLN C 3 -8.00 -21.54 -38.86
N LEU C 4 -7.98 -22.85 -38.98
CA LEU C 4 -6.74 -23.59 -38.96
C LEU C 4 -6.44 -24.30 -40.27
N VAL C 5 -5.38 -23.86 -40.94
CA VAL C 5 -4.94 -24.45 -42.19
C VAL C 5 -3.91 -25.61 -42.07
N GLU C 6 -4.38 -26.82 -41.78
CA GLU C 6 -3.55 -27.99 -41.57
C GLU C 6 -2.71 -28.51 -42.74
N SER C 7 -2.33 -29.80 -42.63
CA SER C 7 -1.72 -30.58 -43.69
C SER C 7 -1.68 -32.01 -43.14
N GLY C 8 -1.38 -32.99 -43.98
CA GLY C 8 -1.55 -34.35 -43.56
C GLY C 8 -0.42 -35.34 -43.63
N GLY C 9 -0.58 -36.38 -42.84
CA GLY C 9 0.36 -37.46 -42.76
C GLY C 9 -0.41 -38.61 -43.36
N GLY C 10 0.31 -39.49 -44.05
CA GLY C 10 -0.27 -40.68 -44.68
C GLY C 10 -0.16 -41.93 -43.77
N LEU C 11 0.27 -43.05 -44.36
CA LEU C 11 0.38 -44.32 -43.66
C LEU C 11 1.81 -44.72 -43.30
N VAL C 12 1.94 -45.69 -42.39
CA VAL C 12 3.22 -46.28 -41.97
C VAL C 12 4.15 -46.63 -43.12
N LEU C 20 3.75 -33.17 -39.89
CA LEU C 20 2.50 -32.45 -40.06
C LEU C 20 2.73 -30.95 -39.98
N SER C 21 1.79 -30.18 -40.53
CA SER C 21 1.77 -28.75 -40.30
C SER C 21 0.33 -28.29 -40.01
N CYS C 22 0.20 -27.22 -39.23
CA CYS C 22 -1.09 -26.60 -38.95
C CYS C 22 -0.91 -25.08 -38.98
N ALA C 23 -1.66 -24.39 -39.84
CA ALA C 23 -1.46 -22.96 -40.02
C ALA C 23 -2.69 -22.16 -39.58
N ALA C 24 -2.44 -21.09 -38.84
CA ALA C 24 -3.53 -20.38 -38.19
C ALA C 24 -3.73 -19.00 -38.79
N SER C 25 -4.99 -18.67 -39.04
CA SER C 25 -5.39 -17.37 -39.57
C SER C 25 -6.71 -16.92 -38.94
N GLY C 26 -6.95 -15.61 -38.91
CA GLY C 26 -8.18 -15.09 -38.36
C GLY C 26 -7.97 -14.08 -37.25
N SER C 27 -8.84 -14.12 -36.25
CA SER C 27 -8.72 -13.23 -35.12
C SER C 27 -7.70 -13.76 -34.10
N ILE C 28 -6.45 -13.88 -34.54
CA ILE C 28 -5.39 -14.46 -33.74
C ILE C 28 -4.74 -13.41 -32.84
N PHE C 29 -4.15 -13.91 -31.77
CA PHE C 29 -3.58 -13.06 -30.75
C PHE C 29 -2.08 -13.27 -30.70
N SER C 30 -1.37 -12.30 -30.16
CA SER C 30 0.08 -12.35 -30.07
C SER C 30 0.53 -13.46 -29.11
N ILE C 31 -0.28 -13.76 -28.11
CA ILE C 31 0.05 -14.80 -27.13
C ILE C 31 -0.84 -16.03 -27.31
N TYR C 32 -0.22 -17.19 -27.52
CA TYR C 32 -0.93 -18.42 -27.92
C TYR C 32 -0.14 -19.70 -27.67
N ALA C 33 -0.82 -20.82 -27.83
CA ALA C 33 -0.19 -22.12 -27.93
C ALA C 33 -0.82 -22.91 -29.07
N MET C 34 0.00 -23.69 -29.79
CA MET C 34 -0.46 -24.59 -30.85
C MET C 34 0.18 -25.96 -30.72
N GLY C 35 -0.55 -27.00 -31.12
CA GLY C 35 -0.07 -28.37 -31.02
C GLY C 35 -1.03 -29.39 -31.62
N TRP C 36 -0.72 -30.68 -31.42
CA TRP C 36 -1.54 -31.78 -31.94
C TRP C 36 -2.05 -32.71 -30.84
N TYR C 37 -3.34 -33.05 -30.92
CA TYR C 37 -3.96 -34.08 -30.11
C TYR C 37 -4.27 -35.30 -31.00
N ARG C 38 -4.45 -36.46 -30.37
CA ARG C 38 -4.87 -37.65 -31.08
C ARG C 38 -5.90 -38.50 -30.30
N GLN C 39 -6.72 -39.27 -31.02
CA GLN C 39 -7.71 -40.18 -30.42
C GLN C 39 -7.58 -41.57 -31.02
N GLN C 44 -9.35 -42.83 -25.50
CA GLN C 44 -9.54 -41.43 -25.14
C GLN C 44 -8.56 -40.51 -25.87
N ARG C 45 -9.01 -39.30 -26.21
CA ARG C 45 -8.18 -38.30 -26.87
C ARG C 45 -6.97 -37.94 -26.00
N GLU C 46 -5.79 -37.90 -26.63
CA GLU C 46 -4.49 -37.68 -25.95
C GLU C 46 -3.61 -36.60 -26.61
N LEU C 47 -2.93 -35.81 -25.78
CA LEU C 47 -1.97 -34.82 -26.29
C LEU C 47 -0.76 -35.46 -26.95
N VAL C 48 -0.25 -34.82 -28.00
CA VAL C 48 0.96 -35.31 -28.66
C VAL C 48 2.14 -34.36 -28.42
N ALA C 49 2.01 -33.13 -28.91
CA ALA C 49 3.00 -32.10 -28.66
C ALA C 49 2.35 -30.73 -28.84
N SER C 50 2.83 -29.76 -28.08
CA SER C 50 2.37 -28.39 -28.19
C SER C 50 3.57 -27.46 -28.05
N ILE C 51 3.45 -26.25 -28.56
CA ILE C 51 4.49 -25.24 -28.40
C ILE C 51 3.80 -23.92 -28.06
N SER C 52 4.45 -23.09 -27.25
CA SER C 52 3.86 -21.85 -26.78
C SER C 52 4.57 -20.65 -27.37
N SER C 53 3.90 -19.50 -27.40
CA SER C 53 4.49 -18.32 -28.04
C SER C 53 5.77 -17.82 -27.36
N GLY C 54 5.92 -18.07 -26.05
CA GLY C 54 7.13 -17.73 -25.32
C GLY C 54 8.32 -18.65 -25.60
N GLY C 55 8.04 -19.74 -26.31
CA GLY C 55 9.04 -20.72 -26.68
C GLY C 55 8.96 -22.08 -25.99
N GLY C 56 8.13 -22.19 -24.97
CA GLY C 56 7.98 -23.46 -24.29
C GLY C 56 7.33 -24.57 -25.10
N THR C 57 7.82 -25.79 -24.92
CA THR C 57 7.31 -26.94 -25.62
C THR C 57 6.95 -28.02 -24.62
N ASN C 58 5.93 -28.80 -24.99
CA ASN C 58 5.49 -29.91 -24.17
C ASN C 58 5.16 -31.11 -25.05
N TYR C 59 5.62 -32.29 -24.65
CA TYR C 59 5.44 -33.53 -25.40
C TYR C 59 4.78 -34.57 -24.52
N ALA C 60 4.00 -35.44 -25.14
CA ALA C 60 3.52 -36.64 -24.48
C ALA C 60 4.69 -37.59 -24.27
N ASP C 61 4.63 -38.41 -23.22
CA ASP C 61 5.71 -39.33 -22.91
C ASP C 61 5.96 -40.34 -24.02
N SER C 62 4.88 -40.79 -24.67
CA SER C 62 4.98 -41.80 -25.72
C SER C 62 5.76 -41.36 -26.96
N VAL C 63 5.70 -40.07 -27.29
CA VAL C 63 6.37 -39.57 -28.49
C VAL C 63 7.64 -38.78 -28.14
N LYS C 64 7.90 -38.69 -26.84
CA LYS C 64 9.01 -37.88 -26.36
C LYS C 64 10.33 -38.46 -26.83
N GLY C 65 11.12 -37.62 -27.47
CA GLY C 65 12.41 -38.05 -27.97
C GLY C 65 12.34 -38.62 -29.38
N ARG C 66 11.16 -39.09 -29.79
CA ARG C 66 10.98 -39.56 -31.16
C ARG C 66 10.36 -38.45 -32.05
N PHE C 67 9.38 -37.71 -31.53
CA PHE C 67 8.68 -36.68 -32.33
C PHE C 67 9.05 -35.26 -31.89
N THR C 68 9.20 -34.35 -32.85
CA THR C 68 9.64 -32.99 -32.54
C THR C 68 8.66 -31.94 -33.07
N ILE C 69 8.39 -30.91 -32.27
CA ILE C 69 7.51 -29.83 -32.68
C ILE C 69 8.28 -28.52 -32.72
N SER C 70 7.94 -27.68 -33.68
CA SER C 70 8.61 -26.41 -33.89
C SER C 70 7.63 -25.46 -34.55
N GLY C 71 7.94 -24.16 -34.54
CA GLY C 71 7.02 -23.21 -35.13
C GLY C 71 7.65 -22.03 -35.85
N ASP C 72 6.96 -21.57 -36.89
CA ASP C 72 7.35 -20.37 -37.61
C ASP C 72 6.33 -19.28 -37.31
N ASN C 73 6.76 -18.33 -36.48
CA ASN C 73 5.91 -17.32 -35.91
C ASN C 73 5.32 -16.40 -36.99
N ALA C 74 6.13 -16.07 -37.98
CA ALA C 74 5.68 -15.18 -39.04
C ALA C 74 4.49 -15.77 -39.79
N LYS C 75 4.57 -17.04 -40.16
CA LYS C 75 3.47 -17.69 -40.89
C LYS C 75 2.35 -18.08 -39.93
N ASN C 76 2.60 -17.95 -38.64
CA ASN C 76 1.68 -18.41 -37.61
C ASN C 76 1.37 -19.90 -37.81
N THR C 77 2.42 -20.68 -38.06
CA THR C 77 2.31 -22.11 -38.33
C THR C 77 3.17 -22.90 -37.36
N VAL C 78 2.76 -24.15 -37.08
CA VAL C 78 3.55 -25.05 -36.25
C VAL C 78 3.85 -26.34 -37.00
N TYR C 79 5.03 -26.92 -36.75
CA TYR C 79 5.44 -28.13 -37.47
C TYR C 79 5.69 -29.31 -36.54
N LEU C 80 5.11 -30.46 -36.87
CA LEU C 80 5.37 -31.68 -36.12
C LEU C 80 6.06 -32.75 -36.95
N GLN C 81 7.29 -33.06 -36.57
CA GLN C 81 8.06 -34.09 -37.24
C GLN C 81 7.85 -35.43 -36.52
N MET C 82 7.25 -36.37 -37.22
CA MET C 82 6.99 -37.69 -36.63
C MET C 82 8.05 -38.67 -37.10
N ASN C 83 8.91 -39.13 -36.18
CA ASN C 83 9.99 -40.04 -36.55
C ASN C 83 9.92 -41.35 -35.78
N SER C 84 10.45 -42.41 -36.38
CA SER C 84 10.44 -43.75 -35.78
C SER C 84 9.01 -44.19 -35.41
N LEU C 85 8.05 -43.93 -36.31
CA LEU C 85 6.63 -44.18 -36.03
C LEU C 85 6.36 -45.65 -35.75
N LYS C 86 5.44 -45.91 -34.81
CA LYS C 86 5.16 -47.26 -34.33
C LYS C 86 3.66 -47.53 -34.45
N PRO C 87 3.25 -48.81 -34.42
CA PRO C 87 1.82 -49.16 -34.51
C PRO C 87 0.94 -48.49 -33.45
N GLU C 88 1.51 -48.21 -32.27
CA GLU C 88 0.79 -47.55 -31.20
C GLU C 88 0.55 -46.06 -31.52
N ASP C 89 1.14 -45.60 -32.63
CA ASP C 89 0.96 -44.22 -33.10
C ASP C 89 -0.28 -44.04 -33.99
N THR C 90 -0.92 -45.16 -34.36
CA THR C 90 -2.08 -45.12 -35.25
C THR C 90 -3.31 -44.49 -34.60
N ALA C 91 -3.74 -43.35 -35.14
CA ALA C 91 -4.89 -42.60 -34.61
C ALA C 91 -5.25 -41.44 -35.52
N VAL C 92 -6.31 -40.72 -35.17
CA VAL C 92 -6.64 -39.47 -35.85
C VAL C 92 -5.97 -38.28 -35.13
N TYR C 93 -5.16 -37.51 -35.87
CA TYR C 93 -4.40 -36.37 -35.29
C TYR C 93 -4.96 -35.00 -35.69
N TYR C 94 -5.48 -34.27 -34.72
CA TYR C 94 -6.02 -32.94 -34.99
C TYR C 94 -5.24 -31.81 -34.33
N CYS C 95 -4.97 -30.78 -35.13
CA CYS C 95 -4.33 -29.58 -34.65
C CYS C 95 -5.24 -28.81 -33.67
N LYS C 96 -4.61 -28.18 -32.69
CA LYS C 96 -5.31 -27.41 -31.67
C LYS C 96 -4.59 -26.09 -31.46
N ARG C 97 -5.33 -25.01 -31.25
CA ARG C 97 -4.72 -23.72 -30.93
C ARG C 97 -5.49 -23.04 -29.82
N GLU C 98 -4.76 -22.44 -28.88
CA GLU C 98 -5.37 -21.57 -27.90
C GLU C 98 -4.90 -20.15 -28.10
N ASP C 99 -5.85 -19.23 -28.26
CA ASP C 99 -5.50 -17.81 -28.33
C ASP C 99 -5.78 -17.15 -26.99
N TYR C 100 -4.81 -16.39 -26.50
CA TYR C 100 -4.87 -15.82 -25.16
C TYR C 100 -4.86 -14.30 -25.17
N SER C 101 -5.64 -13.68 -24.29
CA SER C 101 -5.64 -12.23 -24.13
C SER C 101 -5.60 -11.81 -22.65
N ALA C 102 -5.29 -10.54 -22.38
CA ALA C 102 -5.26 -10.02 -21.01
C ALA C 102 -6.64 -9.63 -20.49
N TYR C 103 -7.64 -9.68 -21.37
CA TYR C 103 -8.97 -9.16 -21.06
C TYR C 103 -10.10 -10.19 -21.12
N ALA C 104 -9.83 -11.39 -21.61
CA ALA C 104 -10.91 -12.32 -21.86
C ALA C 104 -10.39 -13.72 -21.69
N PRO C 105 -11.31 -14.70 -21.54
CA PRO C 105 -10.86 -16.09 -21.38
C PRO C 105 -10.19 -16.62 -22.65
N PRO C 106 -9.47 -17.73 -22.53
CA PRO C 106 -8.82 -18.30 -23.72
C PRO C 106 -9.84 -18.71 -24.79
N SER C 107 -9.51 -18.50 -26.06
CA SER C 107 -10.34 -18.93 -27.19
C SER C 107 -9.71 -20.12 -27.91
N GLY C 108 -10.41 -21.24 -27.89
CA GLY C 108 -9.89 -22.45 -28.50
C GLY C 108 -10.45 -22.69 -29.90
N SER C 109 -9.58 -23.20 -30.76
CA SER C 109 -9.93 -23.64 -32.12
C SER C 109 -9.27 -25.00 -32.33
N ARG C 110 -9.99 -25.89 -33.02
CA ARG C 110 -9.53 -27.25 -33.26
C ARG C 110 -9.67 -27.57 -34.73
N GLY C 111 -8.71 -28.34 -35.26
CA GLY C 111 -8.80 -28.83 -36.63
C GLY C 111 -9.76 -29.98 -36.70
N ARG C 112 -10.23 -30.31 -37.90
CA ARG C 112 -11.16 -31.43 -38.14
C ARG C 112 -10.55 -32.80 -37.82
N GLY C 113 -9.23 -32.94 -38.04
CA GLY C 113 -8.49 -34.16 -37.72
C GLY C 113 -8.01 -34.94 -38.94
N THR C 114 -6.87 -35.62 -38.81
CA THR C 114 -6.30 -36.41 -39.90
C THR C 114 -5.89 -37.79 -39.40
N GLN C 115 -6.34 -38.85 -40.07
CA GLN C 115 -5.99 -40.20 -39.67
C GLN C 115 -4.53 -40.50 -40.02
N VAL C 116 -3.79 -41.10 -39.08
CA VAL C 116 -2.41 -41.51 -39.36
C VAL C 116 -2.13 -42.92 -38.81
N ASP D 1 -22.52 21.99 -23.89
CA ASP D 1 -22.45 23.38 -23.44
C ASP D 1 -23.47 23.67 -22.36
N VAL D 2 -23.18 24.66 -21.53
CA VAL D 2 -24.12 25.08 -20.49
C VAL D 2 -24.48 26.56 -20.63
N GLN D 3 -25.77 26.88 -20.52
CA GLN D 3 -26.24 28.26 -20.59
C GLN D 3 -27.04 28.64 -19.34
N LEU D 4 -26.97 29.89 -18.94
CA LEU D 4 -27.66 30.36 -17.78
C LEU D 4 -28.63 31.47 -18.12
N VAL D 5 -29.84 31.35 -17.60
CA VAL D 5 -30.80 32.38 -17.78
C VAL D 5 -31.06 33.14 -16.53
N GLU D 6 -30.73 34.41 -16.57
CA GLU D 6 -30.81 35.24 -15.42
C GLU D 6 -32.06 36.08 -15.43
N SER D 7 -32.48 36.47 -14.23
CA SER D 7 -33.63 37.37 -14.08
C SER D 7 -33.69 38.07 -12.73
N GLY D 8 -34.58 39.04 -12.63
CA GLY D 8 -34.79 39.76 -11.40
C GLY D 8 -34.19 41.14 -11.17
N GLY D 9 -33.43 41.67 -12.11
CA GLY D 9 -32.79 42.93 -11.82
C GLY D 9 -33.50 44.09 -12.48
N GLY D 10 -33.14 45.30 -12.07
CA GLY D 10 -33.77 46.50 -12.61
C GLY D 10 -33.57 47.67 -11.67
N LEU D 11 -34.49 48.64 -11.69
CA LEU D 11 -34.43 49.75 -10.73
C LEU D 11 -34.93 49.32 -9.35
N VAL D 12 -34.35 49.89 -8.30
CA VAL D 12 -34.77 49.54 -6.94
C VAL D 12 -34.52 50.73 -6.02
N GLN D 13 -35.45 51.00 -5.11
CA GLN D 13 -35.27 52.09 -4.17
C GLN D 13 -34.11 51.76 -3.24
N PRO D 14 -33.37 52.80 -2.80
CA PRO D 14 -32.36 52.60 -1.76
C PRO D 14 -32.97 52.00 -0.51
N GLY D 15 -32.38 50.93 0.02
CA GLY D 15 -32.92 50.24 1.18
C GLY D 15 -33.99 49.22 0.85
N GLY D 16 -34.20 49.02 -0.45
CA GLY D 16 -35.20 48.09 -0.95
C GLY D 16 -34.64 46.69 -1.15
N SER D 17 -35.52 45.78 -1.57
CA SER D 17 -35.11 44.39 -1.75
C SER D 17 -35.22 43.96 -3.21
N LEU D 18 -34.32 43.07 -3.61
CA LEU D 18 -34.38 42.43 -4.92
C LEU D 18 -34.12 40.93 -4.78
N ARG D 19 -34.55 40.19 -5.79
CA ARG D 19 -34.34 38.76 -5.81
C ARG D 19 -33.91 38.32 -7.20
N LEU D 20 -32.66 37.91 -7.34
CA LEU D 20 -32.21 37.37 -8.61
C LEU D 20 -32.34 35.85 -8.64
N SER D 21 -32.48 35.32 -9.84
CA SER D 21 -32.45 33.88 -10.04
C SER D 21 -31.63 33.53 -11.27
N CYS D 22 -30.98 32.37 -11.20
CA CYS D 22 -30.16 31.85 -12.28
C CYS D 22 -30.37 30.36 -12.47
N ALA D 23 -30.79 30.01 -13.68
CA ALA D 23 -31.14 28.66 -14.02
C ALA D 23 -30.18 28.13 -15.08
N ALA D 24 -29.70 26.92 -14.85
CA ALA D 24 -28.66 26.32 -15.66
C ALA D 24 -29.24 25.16 -16.47
N SER D 25 -28.90 25.08 -17.74
CA SER D 25 -29.32 23.95 -18.56
C SER D 25 -28.25 23.62 -19.59
N GLY D 26 -28.23 22.39 -20.06
CA GLY D 26 -27.25 21.96 -21.02
C GLY D 26 -26.49 20.79 -20.43
N SER D 27 -25.19 20.77 -20.68
CA SER D 27 -24.34 19.70 -20.18
C SER D 27 -23.99 19.89 -18.69
N ILE D 28 -25.01 19.88 -17.84
CA ILE D 28 -24.79 20.12 -16.44
C ILE D 28 -24.43 18.81 -15.71
N PHE D 29 -23.69 18.98 -14.62
CA PHE D 29 -23.19 17.85 -13.86
C PHE D 29 -23.80 17.90 -12.47
N SER D 30 -23.83 16.76 -11.80
CA SER D 30 -24.35 16.63 -10.44
C SER D 30 -23.51 17.41 -9.40
N ILE D 31 -22.23 17.61 -9.67
CA ILE D 31 -21.38 18.43 -8.79
C ILE D 31 -21.00 19.74 -9.46
N TYR D 32 -21.30 20.84 -8.80
CA TYR D 32 -21.19 22.16 -9.38
C TYR D 32 -21.14 23.22 -8.30
N ALA D 33 -20.83 24.45 -8.69
CA ALA D 33 -21.03 25.60 -7.83
C ALA D 33 -21.58 26.74 -8.71
N MET D 34 -22.51 27.53 -8.15
CA MET D 34 -23.10 28.66 -8.87
C MET D 34 -23.15 29.87 -7.96
N GLY D 35 -23.05 31.06 -8.55
CA GLY D 35 -23.08 32.28 -7.78
C GLY D 35 -23.06 33.54 -8.61
N TRP D 36 -22.96 34.68 -7.94
CA TRP D 36 -22.99 35.95 -8.63
C TRP D 36 -21.71 36.75 -8.40
N TYR D 37 -21.20 37.29 -9.50
CA TYR D 37 -20.14 38.27 -9.49
C TYR D 37 -20.85 39.59 -9.84
N ARG D 38 -20.24 40.73 -9.51
CA ARG D 38 -20.77 42.02 -9.93
C ARG D 38 -19.63 42.89 -10.40
N GLN D 39 -19.93 43.75 -11.35
CA GLN D 39 -18.95 44.64 -11.94
C GLN D 39 -19.50 46.06 -11.96
N ALA D 40 -18.77 46.96 -11.31
CA ALA D 40 -19.16 48.36 -11.26
C ALA D 40 -18.10 49.16 -12.01
N PRO D 41 -18.53 50.22 -12.71
CA PRO D 41 -17.60 51.05 -13.51
C PRO D 41 -16.38 51.51 -12.71
N GLY D 42 -15.19 51.18 -13.21
CA GLY D 42 -13.95 51.60 -12.58
C GLY D 42 -13.54 50.77 -11.37
N LYS D 43 -14.33 49.75 -11.05
CA LYS D 43 -14.01 48.92 -9.90
C LYS D 43 -13.69 47.48 -10.33
N GLN D 44 -12.86 46.80 -9.56
CA GLN D 44 -12.55 45.39 -9.86
C GLN D 44 -13.80 44.53 -9.69
N ARG D 45 -13.88 43.49 -10.51
CA ARG D 45 -14.94 42.50 -10.45
C ARG D 45 -14.97 41.90 -9.06
N GLU D 46 -16.16 41.72 -8.51
CA GLU D 46 -16.25 41.22 -7.15
C GLU D 46 -17.22 40.03 -7.02
N LEU D 47 -16.81 39.01 -6.28
CA LEU D 47 -17.70 37.91 -5.98
C LEU D 47 -18.75 38.43 -4.99
N VAL D 48 -19.99 38.01 -5.13
CA VAL D 48 -21.01 38.48 -4.20
C VAL D 48 -21.42 37.36 -3.28
N ALA D 49 -21.84 36.25 -3.86
CA ALA D 49 -22.19 35.05 -3.11
C ALA D 49 -22.09 33.84 -4.04
N SER D 50 -21.75 32.68 -3.48
CA SER D 50 -21.78 31.45 -4.26
C SER D 50 -22.30 30.32 -3.38
N ILE D 51 -22.83 29.29 -4.01
CA ILE D 51 -23.29 28.11 -3.30
C ILE D 51 -22.81 26.87 -4.04
N SER D 52 -22.49 25.83 -3.30
CA SER D 52 -21.97 24.61 -3.91
C SER D 52 -22.99 23.50 -3.72
N SER D 53 -22.96 22.50 -4.60
CA SER D 53 -23.96 21.41 -4.54
C SER D 53 -23.94 20.62 -3.22
N GLY D 54 -22.78 20.60 -2.55
CA GLY D 54 -22.67 19.98 -1.25
C GLY D 54 -23.30 20.78 -0.14
N GLY D 55 -23.69 22.03 -0.43
CA GLY D 55 -24.34 22.88 0.55
C GLY D 55 -23.49 24.02 1.10
N GLY D 56 -22.18 23.99 0.81
CA GLY D 56 -21.31 25.06 1.23
C GLY D 56 -21.64 26.37 0.53
N THR D 57 -21.52 27.46 1.26
CA THR D 57 -21.79 28.80 0.76
C THR D 57 -20.61 29.72 1.06
N ASN D 58 -20.45 30.74 0.21
CA ASN D 58 -19.40 31.75 0.37
C ASN D 58 -19.98 33.13 0.09
N TYR D 59 -19.72 34.09 0.97
CA TYR D 59 -20.20 35.47 0.83
C TYR D 59 -19.07 36.48 0.84
N ALA D 60 -19.26 37.59 0.13
CA ALA D 60 -18.36 38.73 0.28
C ALA D 60 -18.66 39.36 1.64
N ASP D 61 -17.65 39.90 2.31
CA ASP D 61 -17.90 40.44 3.64
C ASP D 61 -18.91 41.61 3.52
N SER D 62 -18.80 42.42 2.46
CA SER D 62 -19.64 43.63 2.32
C SER D 62 -21.15 43.30 2.25
N VAL D 63 -21.51 42.11 1.80
CA VAL D 63 -22.92 41.76 1.69
C VAL D 63 -23.38 40.82 2.82
N LYS D 64 -22.49 40.49 3.76
CA LYS D 64 -22.84 39.54 4.82
C LYS D 64 -23.96 40.08 5.72
N GLY D 65 -25.00 39.28 5.90
CA GLY D 65 -26.12 39.71 6.71
C GLY D 65 -27.19 40.41 5.88
N ARG D 66 -26.84 40.91 4.69
CA ARG D 66 -27.84 41.50 3.80
C ARG D 66 -28.30 40.53 2.70
N PHE D 67 -27.35 39.81 2.11
CA PHE D 67 -27.68 38.97 0.96
C PHE D 67 -27.64 37.49 1.33
N THR D 68 -28.59 36.75 0.78
CA THR D 68 -28.71 35.33 1.00
C THR D 68 -28.79 34.57 -0.31
N ILE D 69 -28.02 33.50 -0.41
CA ILE D 69 -28.07 32.67 -1.59
C ILE D 69 -28.58 31.31 -1.16
N SER D 70 -29.38 30.70 -2.04
CA SER D 70 -30.01 29.42 -1.82
C SER D 70 -30.22 28.77 -3.18
N GLY D 71 -30.55 27.48 -3.20
CA GLY D 71 -30.69 26.79 -4.45
C GLY D 71 -31.82 25.78 -4.46
N ASP D 72 -32.40 25.59 -5.63
CA ASP D 72 -33.37 24.54 -5.86
C ASP D 72 -32.78 23.53 -6.85
N ASN D 73 -32.40 22.35 -6.36
CA ASN D 73 -31.71 21.42 -7.23
C ASN D 73 -32.56 20.89 -8.40
N ALA D 74 -33.83 20.60 -8.13
CA ALA D 74 -34.72 20.07 -9.16
C ALA D 74 -34.81 21.03 -10.33
N LYS D 75 -34.92 22.33 -10.03
CA LYS D 75 -34.99 23.36 -11.05
C LYS D 75 -33.62 23.75 -11.61
N ASN D 76 -32.53 23.26 -11.01
CA ASN D 76 -31.16 23.67 -11.36
C ASN D 76 -31.00 25.18 -11.30
N THR D 77 -31.56 25.78 -10.27
CA THR D 77 -31.58 27.23 -10.12
C THR D 77 -31.01 27.70 -8.77
N VAL D 78 -30.45 28.91 -8.77
CA VAL D 78 -30.00 29.52 -7.52
C VAL D 78 -30.67 30.86 -7.40
N TYR D 79 -30.94 31.24 -6.16
CA TYR D 79 -31.61 32.49 -5.86
C TYR D 79 -30.74 33.38 -4.99
N LEU D 80 -30.64 34.65 -5.38
CA LEU D 80 -29.97 35.63 -4.54
C LEU D 80 -30.98 36.67 -4.05
N GLN D 81 -31.21 36.65 -2.73
CA GLN D 81 -32.11 37.59 -2.11
C GLN D 81 -31.28 38.77 -1.60
N MET D 82 -31.45 39.92 -2.25
CA MET D 82 -30.69 41.09 -1.88
C MET D 82 -31.55 42.05 -1.09
N ASN D 83 -31.20 42.28 0.16
CA ASN D 83 -31.99 43.12 1.06
C ASN D 83 -31.19 44.32 1.50
N SER D 84 -31.89 45.37 1.92
CA SER D 84 -31.21 46.57 2.41
C SER D 84 -30.21 47.12 1.38
N LEU D 85 -30.65 47.16 0.13
CA LEU D 85 -29.80 47.58 -0.97
C LEU D 85 -29.35 49.03 -0.83
N LYS D 86 -28.12 49.29 -1.26
CA LYS D 86 -27.49 50.60 -1.11
C LYS D 86 -26.98 51.08 -2.46
N PRO D 87 -26.69 52.38 -2.60
CA PRO D 87 -26.15 52.90 -3.87
C PRO D 87 -24.88 52.15 -4.33
N GLU D 88 -24.07 51.69 -3.38
CA GLU D 88 -22.84 50.93 -3.66
C GLU D 88 -23.08 49.50 -4.15
N ASP D 89 -24.34 49.07 -4.14
CA ASP D 89 -24.69 47.75 -4.70
C ASP D 89 -24.99 47.85 -6.19
N THR D 90 -24.99 49.07 -6.69
CA THR D 90 -25.25 49.29 -8.10
C THR D 90 -24.11 48.73 -8.92
N ALA D 91 -24.45 47.77 -9.77
CA ALA D 91 -23.52 47.11 -10.66
C ALA D 91 -24.28 46.23 -11.64
N VAL D 92 -23.53 45.66 -12.58
CA VAL D 92 -24.05 44.60 -13.41
C VAL D 92 -23.71 43.29 -12.69
N TYR D 93 -24.74 42.49 -12.42
CA TYR D 93 -24.60 41.23 -11.70
C TYR D 93 -24.70 40.09 -12.68
N TYR D 94 -23.62 39.33 -12.83
CA TYR D 94 -23.70 38.19 -13.72
C TYR D 94 -23.54 36.86 -12.98
N CYS D 95 -24.43 35.93 -13.32
CA CYS D 95 -24.40 34.60 -12.79
C CYS D 95 -23.21 33.84 -13.38
N LYS D 96 -22.59 32.98 -12.56
CA LYS D 96 -21.47 32.16 -12.98
C LYS D 96 -21.67 30.74 -12.46
N ARG D 97 -21.30 29.74 -13.25
CA ARG D 97 -21.42 28.37 -12.84
C ARG D 97 -20.20 27.59 -13.27
N GLU D 98 -19.72 26.72 -12.37
CA GLU D 98 -18.70 25.76 -12.75
C GLU D 98 -19.26 24.35 -12.61
N ASP D 99 -19.11 23.55 -13.66
CA ASP D 99 -19.53 22.16 -13.63
C ASP D 99 -18.32 21.26 -13.45
N TYR D 100 -18.44 20.33 -12.51
CA TYR D 100 -17.30 19.54 -12.12
C TYR D 100 -17.49 18.07 -12.47
N SER D 101 -16.40 17.46 -12.92
CA SER D 101 -16.40 16.08 -13.32
C SER D 101 -15.22 15.32 -12.68
N ALA D 102 -15.36 14.00 -12.58
CA ALA D 102 -14.31 13.17 -12.05
C ALA D 102 -13.36 12.81 -13.18
N TYR D 103 -13.72 13.22 -14.40
CA TYR D 103 -12.98 12.82 -15.60
C TYR D 103 -12.39 13.97 -16.42
N ALA D 104 -12.69 15.20 -16.04
CA ALA D 104 -12.32 16.36 -16.84
C ALA D 104 -12.10 17.59 -15.95
N PRO D 105 -11.45 18.64 -16.50
CA PRO D 105 -11.25 19.88 -15.76
C PRO D 105 -12.59 20.59 -15.55
N PRO D 106 -12.65 21.58 -14.64
CA PRO D 106 -13.90 22.32 -14.43
C PRO D 106 -14.32 23.07 -15.70
N SER D 107 -15.63 23.06 -15.98
CA SER D 107 -16.20 23.76 -17.13
C SER D 107 -17.01 24.94 -16.65
N GLY D 108 -16.61 26.12 -17.09
CA GLY D 108 -17.23 27.35 -16.63
C GLY D 108 -18.27 27.87 -17.61
N SER D 109 -19.34 28.44 -17.07
CA SER D 109 -20.35 29.10 -17.85
C SER D 109 -20.71 30.43 -17.17
N ARG D 110 -20.99 31.48 -17.94
CA ARG D 110 -21.40 32.74 -17.33
C ARG D 110 -22.64 33.32 -18.02
N GLY D 111 -23.51 33.95 -17.24
CA GLY D 111 -24.65 34.64 -17.80
C GLY D 111 -24.29 35.95 -18.47
N ARG D 112 -25.19 36.46 -19.30
CA ARG D 112 -25.03 37.73 -19.99
C ARG D 112 -24.98 38.87 -19.00
N GLY D 113 -25.68 38.74 -17.88
CA GLY D 113 -25.58 39.75 -16.84
C GLY D 113 -26.83 40.59 -16.74
N THR D 114 -27.10 41.11 -15.55
CA THR D 114 -28.26 41.94 -15.34
C THR D 114 -27.92 43.20 -14.53
N GLN D 115 -28.36 44.33 -15.02
CA GLN D 115 -28.11 45.61 -14.37
C GLN D 115 -28.93 45.75 -13.10
N VAL D 116 -28.31 46.26 -12.06
CA VAL D 116 -29.05 46.52 -10.84
C VAL D 116 -28.74 47.97 -10.52
N THR D 117 -29.78 48.76 -10.32
CA THR D 117 -29.59 50.17 -10.04
C THR D 117 -30.36 50.58 -8.78
N VAL D 118 -29.59 50.87 -7.75
CA VAL D 118 -30.13 51.35 -6.48
C VAL D 118 -30.11 52.86 -6.44
N SER D 119 -31.18 53.50 -6.91
CA SER D 119 -31.32 54.94 -6.77
C SER D 119 -32.77 55.34 -6.64
N SER D 120 -33.01 56.46 -5.97
CA SER D 120 -34.37 56.96 -5.82
C SER D 120 -34.98 57.29 -7.18
N HIS D 121 -36.22 56.85 -7.39
CA HIS D 121 -36.90 57.05 -8.66
C HIS D 121 -38.41 57.17 -8.52
C1 EDO E . -0.01 -1.70 -3.30
O1 EDO E . 1.02 -1.13 -2.43
C2 EDO E . 0.37 -1.52 -4.76
O2 EDO E . 0.22 -0.13 -5.14
C1 EDO F . -12.48 -2.59 -2.52
O1 EDO F . -11.81 -3.23 -1.43
C2 EDO F . -12.95 -3.73 -3.39
O2 EDO F . -11.75 -4.32 -3.89
#